data_2KGJ
#
_entry.id   2KGJ
#
_entity_poly.entity_id   1
_entity_poly.type   'polypeptide(L)'
_entity_poly.pdbx_seq_one_letter_code
;TQPQRTRYSIIQTKTEDEAKAVLDELNKGGDFAALAKEKSADIISARNGGDMGWLEDATIPDELKNAGLKEKGQLSGVIK
SSVGFLIVRLDDIQAAHHHHHH
;
_entity_poly.pdbx_strand_id   A
#
# COMPACT_ATOMS: atom_id res chain seq x y z
N THR A 1 4.67 25.86 -5.46
CA THR A 1 4.07 24.78 -6.28
C THR A 1 5.02 23.59 -6.35
N GLN A 2 4.70 22.55 -5.59
CA GLN A 2 5.53 21.36 -5.54
C GLN A 2 4.63 20.13 -5.36
N PRO A 3 5.19 18.92 -5.54
CA PRO A 3 4.41 17.69 -5.49
C PRO A 3 4.10 17.21 -4.07
N GLN A 4 2.86 16.84 -3.86
CA GLN A 4 2.42 16.24 -2.62
C GLN A 4 2.98 14.82 -2.53
N ARG A 5 3.04 14.27 -1.33
CA ARG A 5 3.62 12.96 -1.15
C ARG A 5 2.62 12.00 -0.50
N THR A 6 2.77 10.73 -0.81
CA THR A 6 1.88 9.71 -0.29
C THR A 6 2.69 8.51 0.20
N ARG A 7 2.33 7.98 1.36
CA ARG A 7 2.99 6.80 1.89
C ARG A 7 2.14 5.58 1.63
N TYR A 8 2.61 4.72 0.76
CA TYR A 8 1.89 3.51 0.42
C TYR A 8 2.56 2.31 1.04
N SER A 9 1.75 1.39 1.51
CA SER A 9 2.24 0.10 1.91
C SER A 9 1.70 -0.95 0.96
N ILE A 10 2.55 -1.82 0.46
CA ILE A 10 2.16 -2.77 -0.56
C ILE A 10 2.83 -4.10 -0.34
N ILE A 11 2.11 -5.18 -0.58
CA ILE A 11 2.66 -6.51 -0.42
C ILE A 11 2.18 -7.43 -1.53
N GLN A 12 3.04 -8.34 -1.95
CA GLN A 12 2.72 -9.22 -3.07
C GLN A 12 2.35 -10.61 -2.58
N THR A 13 1.22 -11.10 -3.04
CA THR A 13 0.74 -12.42 -2.66
C THR A 13 0.85 -13.40 -3.82
N LYS A 14 0.92 -14.69 -3.50
CA LYS A 14 1.04 -15.72 -4.52
C LYS A 14 -0.20 -15.79 -5.40
N THR A 15 -1.36 -15.84 -4.75
CA THR A 15 -2.63 -15.96 -5.47
C THR A 15 -3.68 -15.04 -4.88
N GLU A 16 -4.86 -15.01 -5.51
CA GLU A 16 -5.96 -14.21 -5.00
C GLU A 16 -6.38 -14.75 -3.64
N ASP A 17 -6.20 -16.06 -3.48
CA ASP A 17 -6.48 -16.74 -2.22
C ASP A 17 -5.67 -16.11 -1.10
N GLU A 18 -4.41 -15.88 -1.37
CA GLU A 18 -3.50 -15.26 -0.42
C GLU A 18 -3.92 -13.83 -0.14
N ALA A 19 -4.29 -13.12 -1.20
CA ALA A 19 -4.76 -11.74 -1.08
C ALA A 19 -6.00 -11.67 -0.20
N LYS A 20 -6.97 -12.55 -0.46
CA LYS A 20 -8.17 -12.65 0.35
C LYS A 20 -7.84 -12.92 1.82
N ALA A 21 -6.86 -13.78 2.07
CA ALA A 21 -6.43 -14.07 3.43
C ALA A 21 -5.85 -12.82 4.10
N VAL A 22 -5.13 -12.03 3.31
CA VAL A 22 -4.52 -10.81 3.79
C VAL A 22 -5.58 -9.75 4.05
N LEU A 23 -6.46 -9.56 3.08
CA LEU A 23 -7.48 -8.52 3.18
C LEU A 23 -8.53 -8.87 4.23
N ASP A 24 -8.74 -10.17 4.47
CA ASP A 24 -9.69 -10.60 5.48
C ASP A 24 -9.26 -10.11 6.86
N GLU A 25 -7.96 -10.24 7.13
CA GLU A 25 -7.40 -9.83 8.40
C GLU A 25 -7.41 -8.31 8.53
N LEU A 26 -6.99 -7.61 7.49
CA LEU A 26 -6.93 -6.15 7.53
C LEU A 26 -8.33 -5.54 7.47
N ASN A 27 -9.31 -6.34 7.10
CA ASN A 27 -10.70 -5.90 7.09
C ASN A 27 -11.17 -5.64 8.51
N LYS A 28 -10.57 -6.33 9.46
CA LYS A 28 -10.79 -6.04 10.87
C LYS A 28 -10.02 -4.77 11.23
N GLY A 29 -8.88 -4.61 10.54
CA GLY A 29 -8.11 -3.39 10.63
C GLY A 29 -7.18 -3.36 11.81
N GLY A 30 -6.59 -4.49 12.16
CA GLY A 30 -5.72 -4.50 13.32
C GLY A 30 -4.29 -4.21 12.96
N ASP A 31 -3.67 -5.07 12.19
CA ASP A 31 -2.32 -4.80 11.71
C ASP A 31 -2.14 -5.24 10.26
N PHE A 32 -1.75 -4.31 9.41
CA PHE A 32 -1.36 -4.61 8.04
C PHE A 32 0.10 -5.02 7.99
N ALA A 33 0.91 -4.37 8.80
CA ALA A 33 2.34 -4.62 8.85
C ALA A 33 2.63 -6.10 9.10
N ALA A 34 1.82 -6.71 9.95
CA ALA A 34 1.99 -8.11 10.30
C ALA A 34 1.76 -8.99 9.08
N LEU A 35 0.73 -8.64 8.34
CA LEU A 35 0.34 -9.39 7.14
C LEU A 35 1.44 -9.28 6.10
N ALA A 36 2.05 -8.10 6.08
CA ALA A 36 3.09 -7.77 5.12
C ALA A 36 4.32 -8.65 5.27
N LYS A 37 4.74 -8.87 6.51
CA LYS A 37 5.98 -9.59 6.75
C LYS A 37 5.81 -11.10 6.56
N GLU A 38 4.62 -11.62 6.84
CA GLU A 38 4.43 -13.05 6.89
C GLU A 38 4.31 -13.73 5.52
N LYS A 39 3.32 -13.31 4.71
CA LYS A 39 3.03 -14.04 3.47
C LYS A 39 3.66 -13.38 2.24
N SER A 40 3.86 -12.10 2.33
CA SER A 40 4.25 -11.30 1.18
C SER A 40 5.66 -11.63 0.67
N ALA A 41 5.78 -11.70 -0.65
CA ALA A 41 7.08 -11.83 -1.31
C ALA A 41 7.72 -10.46 -1.44
N ASP A 42 7.02 -9.47 -0.93
CA ASP A 42 7.46 -8.08 -0.89
C ASP A 42 8.61 -7.88 0.09
N ILE A 43 8.83 -8.87 0.97
CA ILE A 43 9.49 -8.68 2.27
C ILE A 43 10.86 -8.01 2.19
N ILE A 44 11.46 -7.95 1.01
CA ILE A 44 12.63 -7.10 0.82
C ILE A 44 12.31 -5.68 1.32
N SER A 45 11.08 -5.25 1.08
CA SER A 45 10.59 -3.98 1.60
C SER A 45 9.54 -4.20 2.70
N ALA A 46 8.77 -5.28 2.58
CA ALA A 46 7.70 -5.61 3.54
C ALA A 46 8.21 -5.66 4.98
N ARG A 47 9.48 -6.04 5.18
CA ARG A 47 10.05 -6.09 6.52
C ARG A 47 9.99 -4.72 7.22
N ASN A 48 9.74 -3.67 6.44
CA ASN A 48 9.56 -2.31 6.98
C ASN A 48 8.12 -2.12 7.45
N GLY A 49 7.36 -3.21 7.48
CA GLY A 49 5.96 -3.13 7.84
C GLY A 49 5.07 -2.93 6.63
N GLY A 50 5.56 -3.38 5.48
CA GLY A 50 4.83 -3.24 4.24
C GLY A 50 5.04 -1.88 3.61
N ASP A 51 5.71 -1.00 4.34
CA ASP A 51 5.94 0.36 3.90
C ASP A 51 7.02 0.40 2.82
N MET A 52 6.61 0.83 1.63
CA MET A 52 7.54 1.00 0.52
C MET A 52 8.27 2.32 0.64
N GLY A 53 7.70 3.23 1.42
CA GLY A 53 8.30 4.53 1.61
C GLY A 53 7.39 5.65 1.12
N TRP A 54 7.83 6.87 1.31
CA TRP A 54 7.08 8.03 0.84
C TRP A 54 7.39 8.31 -0.62
N LEU A 55 6.40 8.16 -1.47
CA LEU A 55 6.54 8.50 -2.88
C LEU A 55 5.97 9.88 -3.12
N GLU A 56 6.44 10.54 -4.16
CA GLU A 56 5.95 11.86 -4.50
C GLU A 56 4.88 11.73 -5.58
N ASP A 57 3.89 12.60 -5.52
CA ASP A 57 2.79 12.53 -6.44
C ASP A 57 3.27 12.80 -7.85
N ALA A 58 2.72 12.06 -8.79
CA ALA A 58 3.09 12.13 -10.21
C ALA A 58 4.46 11.50 -10.48
N THR A 59 5.03 10.83 -9.48
CA THR A 59 6.20 9.98 -9.71
C THR A 59 5.79 8.52 -9.54
N ILE A 60 4.51 8.35 -9.23
CA ILE A 60 3.93 7.04 -8.95
C ILE A 60 3.83 6.21 -10.23
N PRO A 61 4.32 4.97 -10.19
CA PRO A 61 4.13 4.03 -11.31
C PRO A 61 2.66 3.67 -11.50
N ASP A 62 2.30 3.39 -12.75
CA ASP A 62 0.90 3.13 -13.14
C ASP A 62 0.28 2.00 -12.35
N GLU A 63 1.11 1.09 -11.86
CA GLU A 63 0.67 -0.02 -11.05
C GLU A 63 -0.10 0.50 -9.81
N LEU A 64 0.49 1.45 -9.10
CA LEU A 64 -0.16 2.01 -7.92
C LEU A 64 -1.15 3.11 -8.28
N LYS A 65 -1.07 3.61 -9.51
CA LYS A 65 -2.06 4.58 -10.00
C LYS A 65 -3.45 3.95 -10.00
N ASN A 66 -3.47 2.65 -10.25
CA ASN A 66 -4.71 1.89 -10.32
C ASN A 66 -5.21 1.48 -8.94
N ALA A 67 -4.41 1.75 -7.92
CA ALA A 67 -4.77 1.38 -6.55
C ALA A 67 -5.94 2.20 -6.03
N GLY A 68 -6.03 3.44 -6.49
CA GLY A 68 -7.17 4.30 -6.16
C GLY A 68 -7.19 4.74 -4.71
N LEU A 69 -6.05 4.63 -4.03
CA LEU A 69 -5.97 4.96 -2.62
C LEU A 69 -5.58 6.41 -2.39
N LYS A 70 -6.55 7.31 -2.42
CA LYS A 70 -6.28 8.71 -2.10
C LYS A 70 -6.76 9.09 -0.69
N GLU A 71 -7.69 8.35 -0.14
CA GLU A 71 -8.24 8.65 1.19
C GLU A 71 -7.52 7.86 2.28
N LYS A 72 -6.91 8.58 3.22
CA LYS A 72 -6.02 7.98 4.22
C LYS A 72 -6.79 7.06 5.15
N GLY A 73 -6.27 5.85 5.34
CA GLY A 73 -6.92 4.89 6.20
C GLY A 73 -7.57 3.79 5.39
N GLN A 74 -7.67 4.02 4.09
CA GLN A 74 -8.29 3.05 3.20
C GLN A 74 -7.31 1.93 2.89
N LEU A 75 -7.72 0.71 3.19
CA LEU A 75 -6.90 -0.47 2.97
C LEU A 75 -7.72 -1.56 2.30
N SER A 76 -7.02 -2.61 1.85
CA SER A 76 -7.61 -3.70 1.08
C SER A 76 -7.82 -3.28 -0.37
N GLY A 77 -6.74 -2.79 -0.97
CA GLY A 77 -6.72 -2.55 -2.39
C GLY A 77 -6.01 -3.67 -3.11
N VAL A 78 -6.75 -4.50 -3.83
CA VAL A 78 -6.17 -5.66 -4.49
C VAL A 78 -5.93 -5.34 -5.95
N ILE A 79 -4.68 -5.32 -6.32
CA ILE A 79 -4.29 -5.01 -7.68
C ILE A 79 -4.00 -6.30 -8.44
N LYS A 80 -4.82 -6.56 -9.46
CA LYS A 80 -4.72 -7.79 -10.21
C LYS A 80 -3.62 -7.68 -11.25
N SER A 81 -2.57 -8.47 -11.06
CA SER A 81 -1.48 -8.53 -12.01
C SER A 81 -1.26 -9.97 -12.42
N SER A 82 -0.59 -10.17 -13.54
CA SER A 82 -0.30 -11.50 -14.03
C SER A 82 0.80 -12.14 -13.19
N VAL A 83 1.63 -11.31 -12.59
CA VAL A 83 2.74 -11.78 -11.75
C VAL A 83 2.24 -12.16 -10.36
N GLY A 84 0.99 -11.81 -10.07
CA GLY A 84 0.41 -12.10 -8.78
C GLY A 84 -0.50 -10.98 -8.34
N PHE A 85 -0.83 -10.95 -7.06
CA PHE A 85 -1.75 -9.95 -6.55
C PHE A 85 -1.06 -9.05 -5.55
N LEU A 86 -1.21 -7.75 -5.75
CA LEU A 86 -0.59 -6.78 -4.89
C LEU A 86 -1.63 -6.18 -3.96
N ILE A 87 -1.27 -6.06 -2.69
CA ILE A 87 -2.15 -5.45 -1.71
C ILE A 87 -1.63 -4.09 -1.32
N VAL A 88 -2.45 -3.08 -1.53
CA VAL A 88 -2.04 -1.72 -1.27
C VAL A 88 -2.79 -1.14 -0.06
N ARG A 89 -2.05 -0.44 0.80
CA ARG A 89 -2.61 0.21 1.97
C ARG A 89 -2.12 1.64 2.06
N LEU A 90 -2.97 2.53 2.53
CA LEU A 90 -2.62 3.92 2.72
C LEU A 90 -2.13 4.17 4.13
N ASP A 91 -0.84 4.45 4.24
CA ASP A 91 -0.27 4.77 5.55
C ASP A 91 -0.57 6.20 5.95
N ASP A 92 -0.22 7.15 5.08
CA ASP A 92 -0.46 8.57 5.35
C ASP A 92 -0.54 9.39 4.07
N ILE A 93 -1.04 10.61 4.20
CA ILE A 93 -1.13 11.55 3.09
C ILE A 93 -0.56 12.90 3.51
N GLN A 94 0.35 13.46 2.72
CA GLN A 94 0.89 14.78 3.03
C GLN A 94 0.83 15.67 1.80
N ALA A 95 0.33 16.88 1.99
CA ALA A 95 0.27 17.85 0.90
C ALA A 95 1.55 18.66 0.86
N ALA A 96 2.68 17.94 0.79
CA ALA A 96 4.02 18.52 0.67
C ALA A 96 4.48 19.18 1.96
N HIS A 97 3.81 20.25 2.36
CA HIS A 97 4.23 21.06 3.52
C HIS A 97 4.17 20.26 4.81
N HIS A 98 3.31 19.27 4.86
CA HIS A 98 2.99 18.57 6.11
C HIS A 98 4.16 17.73 6.63
N HIS A 99 4.92 18.35 7.54
CA HIS A 99 6.02 17.69 8.24
C HIS A 99 6.64 18.70 9.20
N HIS A 100 7.22 19.73 8.62
CA HIS A 100 7.76 20.85 9.37
C HIS A 100 7.64 22.11 8.54
N HIS A 101 8.27 22.09 7.38
CA HIS A 101 8.12 23.15 6.39
C HIS A 101 8.59 22.68 5.02
N HIS A 102 7.67 22.60 4.11
CA HIS A 102 7.99 22.40 2.71
C HIS A 102 7.33 23.50 1.90
N THR A 1 5.39 24.28 -6.63
CA THR A 1 6.85 24.07 -6.77
C THR A 1 7.27 22.72 -6.22
N GLN A 2 6.64 22.30 -5.13
CA GLN A 2 6.90 21.01 -4.53
C GLN A 2 5.62 20.18 -4.54
N PRO A 3 5.73 18.91 -4.91
CA PRO A 3 4.58 18.01 -4.98
C PRO A 3 4.29 17.36 -3.63
N GLN A 4 3.01 17.14 -3.36
CA GLN A 4 2.61 16.45 -2.15
C GLN A 4 3.00 14.98 -2.26
N ARG A 5 3.10 14.30 -1.14
CA ARG A 5 3.66 12.96 -1.13
C ARG A 5 2.73 11.99 -0.41
N THR A 6 2.77 10.75 -0.87
CA THR A 6 1.92 9.70 -0.34
C THR A 6 2.76 8.53 0.14
N ARG A 7 2.42 8.00 1.30
CA ARG A 7 3.11 6.84 1.83
C ARG A 7 2.30 5.59 1.56
N TYR A 8 2.81 4.74 0.70
CA TYR A 8 2.11 3.53 0.32
C TYR A 8 2.72 2.31 0.98
N SER A 9 1.87 1.42 1.45
CA SER A 9 2.30 0.12 1.91
C SER A 9 1.76 -0.91 0.94
N ILE A 10 2.61 -1.83 0.55
CA ILE A 10 2.25 -2.81 -0.47
C ILE A 10 2.86 -4.15 -0.13
N ILE A 11 2.15 -5.23 -0.45
CA ILE A 11 2.67 -6.56 -0.23
C ILE A 11 2.31 -7.45 -1.42
N GLN A 12 3.17 -8.41 -1.72
CA GLN A 12 2.95 -9.29 -2.87
C GLN A 12 2.37 -10.62 -2.44
N THR A 13 1.13 -10.86 -2.83
CA THR A 13 0.47 -12.11 -2.54
C THR A 13 0.60 -13.06 -3.74
N LYS A 14 0.73 -14.34 -3.44
CA LYS A 14 1.08 -15.34 -4.44
C LYS A 14 -0.13 -15.85 -5.20
N THR A 15 -1.30 -15.68 -4.61
CA THR A 15 -2.56 -16.05 -5.27
C THR A 15 -3.65 -15.10 -4.80
N GLU A 16 -4.79 -15.05 -5.49
CA GLU A 16 -5.87 -14.18 -5.04
C GLU A 16 -6.46 -14.74 -3.76
N ASP A 17 -6.35 -16.05 -3.61
CA ASP A 17 -6.72 -16.73 -2.37
C ASP A 17 -5.90 -16.15 -1.22
N GLU A 18 -4.63 -15.90 -1.51
CA GLU A 18 -3.73 -15.27 -0.57
C GLU A 18 -4.20 -13.86 -0.27
N ALA A 19 -4.64 -13.15 -1.30
CA ALA A 19 -5.13 -11.79 -1.14
C ALA A 19 -6.37 -11.77 -0.25
N LYS A 20 -7.32 -12.67 -0.53
CA LYS A 20 -8.55 -12.78 0.27
C LYS A 20 -8.21 -12.98 1.74
N ALA A 21 -7.25 -13.85 2.00
CA ALA A 21 -6.84 -14.15 3.36
C ALA A 21 -6.08 -12.98 3.97
N VAL A 22 -5.28 -12.31 3.16
CA VAL A 22 -4.45 -11.23 3.65
C VAL A 22 -5.27 -9.97 3.90
N LEU A 23 -6.24 -9.70 3.03
CA LEU A 23 -7.06 -8.51 3.16
C LEU A 23 -8.03 -8.63 4.32
N ASP A 24 -8.42 -9.85 4.64
CA ASP A 24 -9.41 -10.09 5.68
C ASP A 24 -8.96 -9.50 7.02
N GLU A 25 -7.69 -9.66 7.35
CA GLU A 25 -7.15 -9.15 8.60
C GLU A 25 -7.07 -7.63 8.56
N LEU A 26 -6.60 -7.09 7.44
CA LEU A 26 -6.45 -5.66 7.30
C LEU A 26 -7.83 -4.99 7.13
N ASN A 27 -8.83 -5.79 6.79
CA ASN A 27 -10.21 -5.31 6.74
C ASN A 27 -10.73 -5.12 8.17
N LYS A 28 -10.13 -5.85 9.09
CA LYS A 28 -10.37 -5.64 10.51
C LYS A 28 -9.45 -4.54 11.01
N GLY A 29 -8.35 -4.39 10.28
CA GLY A 29 -7.40 -3.34 10.54
C GLY A 29 -6.56 -3.60 11.76
N GLY A 30 -6.14 -4.85 11.97
CA GLY A 30 -5.37 -5.13 13.15
C GLY A 30 -3.90 -4.87 12.96
N ASP A 31 -3.27 -5.64 12.08
CA ASP A 31 -1.91 -5.33 11.67
C ASP A 31 -1.70 -5.59 10.18
N PHE A 32 -1.44 -4.56 9.41
CA PHE A 32 -1.09 -4.74 8.00
C PHE A 32 0.35 -5.21 7.88
N ALA A 33 1.18 -4.75 8.81
CA ALA A 33 2.59 -5.10 8.81
C ALA A 33 2.78 -6.60 9.03
N ALA A 34 1.87 -7.19 9.79
CA ALA A 34 1.93 -8.63 10.08
C ALA A 34 1.66 -9.41 8.81
N LEU A 35 0.70 -8.92 8.04
CA LEU A 35 0.33 -9.51 6.78
C LEU A 35 1.51 -9.46 5.83
N ALA A 36 2.15 -8.29 5.80
CA ALA A 36 3.30 -8.03 4.96
C ALA A 36 4.42 -9.03 5.23
N LYS A 37 4.72 -9.23 6.50
CA LYS A 37 5.87 -10.02 6.89
C LYS A 37 5.60 -11.52 6.81
N GLU A 38 4.37 -11.92 7.07
CA GLU A 38 4.10 -13.35 7.23
C GLU A 38 3.95 -14.10 5.90
N LYS A 39 2.97 -13.71 5.08
CA LYS A 39 2.63 -14.50 3.89
C LYS A 39 3.17 -13.89 2.61
N SER A 40 3.36 -12.60 2.66
CA SER A 40 3.66 -11.81 1.48
C SER A 40 5.11 -11.99 1.02
N ALA A 41 5.29 -11.98 -0.30
CA ALA A 41 6.62 -12.09 -0.91
C ALA A 41 7.32 -10.73 -0.86
N ASP A 42 6.63 -9.77 -0.27
CA ASP A 42 7.15 -8.42 -0.06
C ASP A 42 8.31 -8.41 0.92
N ILE A 43 8.48 -9.51 1.67
CA ILE A 43 9.21 -9.52 2.95
C ILE A 43 10.64 -9.03 2.86
N ILE A 44 11.21 -8.98 1.66
CA ILE A 44 12.47 -8.28 1.46
C ILE A 44 12.38 -6.85 2.02
N SER A 45 11.24 -6.23 1.81
CA SER A 45 10.98 -4.89 2.31
C SER A 45 9.89 -4.93 3.40
N ALA A 46 8.99 -5.90 3.30
CA ALA A 46 7.84 -6.02 4.22
C ALA A 46 8.23 -5.96 5.68
N ARG A 47 9.44 -6.42 5.99
CA ARG A 47 9.91 -6.45 7.37
C ARG A 47 10.02 -5.05 7.98
N ASN A 48 9.87 -4.01 7.17
CA ASN A 48 9.76 -2.65 7.70
C ASN A 48 8.30 -2.27 7.97
N GLY A 49 7.42 -3.27 7.89
CA GLY A 49 5.99 -3.03 8.06
C GLY A 49 5.28 -2.78 6.74
N GLY A 50 5.84 -3.33 5.66
CA GLY A 50 5.19 -3.28 4.35
C GLY A 50 5.24 -1.91 3.72
N ASP A 51 6.14 -1.07 4.16
CA ASP A 51 6.22 0.30 3.69
C ASP A 51 7.26 0.44 2.58
N MET A 52 6.83 0.92 1.43
CA MET A 52 7.75 1.17 0.33
C MET A 52 8.43 2.52 0.52
N GLY A 53 7.81 3.37 1.33
CA GLY A 53 8.34 4.70 1.58
C GLY A 53 7.43 5.77 1.04
N TRP A 54 7.91 7.00 1.05
CA TRP A 54 7.14 8.12 0.54
C TRP A 54 7.41 8.35 -0.94
N LEU A 55 6.36 8.36 -1.73
CA LEU A 55 6.46 8.71 -3.13
C LEU A 55 5.68 10.00 -3.38
N GLU A 56 6.02 10.72 -4.44
CA GLU A 56 5.37 11.98 -4.72
C GLU A 56 4.04 11.74 -5.44
N ASP A 57 3.00 12.40 -4.95
CA ASP A 57 1.65 12.20 -5.47
C ASP A 57 1.50 12.83 -6.85
N ALA A 58 0.70 12.18 -7.68
CA ALA A 58 0.57 12.53 -9.10
C ALA A 58 1.90 12.34 -9.83
N THR A 59 2.85 11.77 -9.12
CA THR A 59 4.12 11.37 -9.66
C THR A 59 4.17 9.84 -9.64
N ILE A 60 3.07 9.27 -9.20
CA ILE A 60 2.94 7.85 -8.97
C ILE A 60 2.86 7.08 -10.29
N PRO A 61 3.63 5.99 -10.42
CA PRO A 61 3.56 5.11 -11.60
C PRO A 61 2.17 4.47 -11.75
N ASP A 62 1.86 4.09 -13.00
CA ASP A 62 0.53 3.64 -13.39
C ASP A 62 0.03 2.47 -12.56
N GLU A 63 0.96 1.69 -12.04
CA GLU A 63 0.64 0.55 -11.18
C GLU A 63 -0.19 1.00 -9.98
N LEU A 64 0.31 1.96 -9.22
CA LEU A 64 -0.37 2.42 -8.03
C LEU A 64 -1.44 3.46 -8.34
N LYS A 65 -1.38 4.03 -9.55
CA LYS A 65 -2.45 4.92 -10.01
C LYS A 65 -3.79 4.19 -9.97
N ASN A 66 -3.74 2.95 -10.46
CA ASN A 66 -4.93 2.12 -10.58
C ASN A 66 -5.38 1.56 -9.23
N ALA A 67 -4.60 1.81 -8.19
CA ALA A 67 -4.92 1.32 -6.85
C ALA A 67 -6.10 2.09 -6.27
N GLY A 68 -6.24 3.35 -6.65
CA GLY A 68 -7.38 4.15 -6.25
C GLY A 68 -7.26 4.64 -4.83
N LEU A 69 -6.06 4.65 -4.29
CA LEU A 69 -5.82 5.05 -2.91
C LEU A 69 -5.40 6.52 -2.83
N LYS A 70 -6.39 7.41 -2.75
CA LYS A 70 -6.10 8.84 -2.71
C LYS A 70 -6.19 9.40 -1.30
N GLU A 71 -7.19 8.97 -0.53
CA GLU A 71 -7.44 9.53 0.79
C GLU A 71 -6.88 8.63 1.89
N LYS A 72 -6.22 9.24 2.86
CA LYS A 72 -5.45 8.52 3.88
C LYS A 72 -6.36 7.70 4.79
N GLY A 73 -5.96 6.46 5.05
CA GLY A 73 -6.73 5.56 5.89
C GLY A 73 -7.40 4.47 5.10
N GLN A 74 -7.41 4.61 3.78
CA GLN A 74 -8.05 3.63 2.91
C GLN A 74 -7.12 2.46 2.63
N LEU A 75 -7.60 1.25 2.85
CA LEU A 75 -6.81 0.04 2.67
C LEU A 75 -7.65 -1.06 2.01
N SER A 76 -6.96 -2.13 1.61
CA SER A 76 -7.57 -3.29 0.93
C SER A 76 -7.80 -2.98 -0.55
N GLY A 77 -6.71 -2.69 -1.24
CA GLY A 77 -6.73 -2.58 -2.68
C GLY A 77 -5.98 -3.73 -3.31
N VAL A 78 -6.66 -4.52 -4.13
CA VAL A 78 -6.07 -5.71 -4.70
C VAL A 78 -5.80 -5.51 -6.19
N ILE A 79 -4.53 -5.50 -6.52
CA ILE A 79 -4.09 -5.28 -7.89
C ILE A 79 -3.66 -6.60 -8.52
N LYS A 80 -4.35 -7.01 -9.57
CA LYS A 80 -4.03 -8.28 -10.21
C LYS A 80 -2.87 -8.12 -11.19
N SER A 81 -1.91 -9.02 -11.04
CA SER A 81 -0.80 -9.11 -11.96
C SER A 81 -0.69 -10.54 -12.47
N SER A 82 0.10 -10.75 -13.51
CA SER A 82 0.33 -12.09 -14.02
C SER A 82 1.35 -12.80 -13.14
N VAL A 83 2.19 -12.01 -12.49
CA VAL A 83 3.22 -12.53 -11.61
C VAL A 83 2.68 -12.76 -10.19
N GLY A 84 1.44 -12.35 -9.96
CA GLY A 84 0.83 -12.51 -8.65
C GLY A 84 -0.18 -11.43 -8.35
N PHE A 85 -0.45 -11.18 -7.09
CA PHE A 85 -1.41 -10.16 -6.70
C PHE A 85 -0.77 -9.17 -5.75
N LEU A 86 -1.01 -7.89 -5.97
CA LEU A 86 -0.43 -6.85 -5.15
C LEU A 86 -1.49 -6.24 -4.25
N ILE A 87 -1.14 -6.05 -2.99
CA ILE A 87 -2.04 -5.42 -2.03
C ILE A 87 -1.53 -4.03 -1.70
N VAL A 88 -2.40 -3.04 -1.82
CA VAL A 88 -2.00 -1.66 -1.61
C VAL A 88 -2.72 -1.09 -0.36
N ARG A 89 -1.97 -0.30 0.40
CA ARG A 89 -2.45 0.22 1.69
C ARG A 89 -1.97 1.66 1.86
N LEU A 90 -2.87 2.55 2.24
CA LEU A 90 -2.51 3.95 2.45
C LEU A 90 -2.06 4.18 3.88
N ASP A 91 -0.77 4.42 4.03
CA ASP A 91 -0.22 4.70 5.36
C ASP A 91 -0.50 6.14 5.76
N ASP A 92 -0.10 7.09 4.92
CA ASP A 92 -0.29 8.50 5.22
C ASP A 92 -0.33 9.35 3.95
N ILE A 93 -0.82 10.59 4.10
CA ILE A 93 -0.86 11.57 3.03
C ILE A 93 -0.36 12.91 3.56
N GLN A 94 0.65 13.49 2.93
CA GLN A 94 1.16 14.78 3.35
C GLN A 94 1.44 15.67 2.15
N ALA A 95 1.01 16.92 2.24
CA ALA A 95 1.20 17.86 1.15
C ALA A 95 2.59 18.47 1.20
N ALA A 96 3.60 17.61 1.06
CA ALA A 96 5.00 18.00 1.14
C ALA A 96 5.35 18.53 2.53
N HIS A 97 5.09 19.81 2.74
CA HIS A 97 5.39 20.44 4.03
C HIS A 97 4.22 20.26 4.98
N HIS A 98 4.22 19.15 5.70
CA HIS A 98 3.10 18.80 6.58
C HIS A 98 3.42 19.19 8.03
N HIS A 99 3.85 20.43 8.20
CA HIS A 99 4.06 21.03 9.54
C HIS A 99 4.99 20.19 10.41
N HIS A 100 6.30 20.43 10.29
CA HIS A 100 7.31 19.80 11.15
C HIS A 100 7.57 18.34 10.78
N HIS A 101 6.57 17.67 10.20
CA HIS A 101 6.76 16.33 9.67
C HIS A 101 7.61 16.42 8.40
N HIS A 102 7.47 17.55 7.72
CA HIS A 102 8.25 17.86 6.55
C HIS A 102 8.03 19.33 6.22
N THR A 1 2.06 23.28 -7.97
CA THR A 1 3.38 23.16 -8.63
C THR A 1 4.14 21.96 -8.07
N GLN A 2 4.56 22.06 -6.81
CA GLN A 2 5.24 20.96 -6.15
C GLN A 2 4.24 19.85 -5.84
N PRO A 3 4.68 18.60 -5.97
CA PRO A 3 3.79 17.44 -5.81
C PRO A 3 3.55 17.09 -4.35
N GLN A 4 2.30 16.71 -4.06
CA GLN A 4 1.92 16.27 -2.73
C GLN A 4 2.44 14.86 -2.52
N ARG A 5 2.58 14.44 -1.27
CA ARG A 5 3.23 13.17 -1.00
C ARG A 5 2.34 12.22 -0.22
N THR A 6 2.49 10.94 -0.51
CA THR A 6 1.66 9.89 0.07
C THR A 6 2.53 8.73 0.51
N ARG A 7 2.20 8.12 1.65
CA ARG A 7 2.93 6.97 2.14
C ARG A 7 2.16 5.70 1.83
N TYR A 8 2.70 4.88 0.93
CA TYR A 8 2.02 3.66 0.52
C TYR A 8 2.70 2.43 1.11
N SER A 9 1.89 1.48 1.53
CA SER A 9 2.39 0.19 1.94
C SER A 9 1.80 -0.87 1.03
N ILE A 10 2.64 -1.76 0.53
CA ILE A 10 2.22 -2.75 -0.46
C ILE A 10 2.88 -4.09 -0.17
N ILE A 11 2.16 -5.17 -0.43
CA ILE A 11 2.72 -6.50 -0.28
C ILE A 11 2.24 -7.38 -1.42
N GLN A 12 3.13 -8.19 -1.96
CA GLN A 12 2.78 -9.04 -3.08
C GLN A 12 2.47 -10.44 -2.59
N THR A 13 1.25 -10.86 -2.82
CA THR A 13 0.85 -12.23 -2.53
C THR A 13 1.00 -13.08 -3.78
N LYS A 14 1.29 -14.35 -3.59
CA LYS A 14 1.60 -15.23 -4.70
C LYS A 14 0.33 -15.65 -5.44
N THR A 15 -0.79 -15.63 -4.73
CA THR A 15 -2.06 -15.93 -5.35
C THR A 15 -3.18 -15.05 -4.80
N GLU A 16 -4.32 -15.07 -5.45
CA GLU A 16 -5.46 -14.28 -5.01
C GLU A 16 -5.89 -14.80 -3.66
N ASP A 17 -5.72 -16.10 -3.50
CA ASP A 17 -6.06 -16.80 -2.27
C ASP A 17 -5.37 -16.15 -1.08
N GLU A 18 -4.12 -15.78 -1.28
CA GLU A 18 -3.35 -15.12 -0.25
C GLU A 18 -3.87 -13.71 -0.01
N ALA A 19 -4.20 -13.02 -1.11
CA ALA A 19 -4.75 -11.68 -1.04
C ALA A 19 -6.05 -11.63 -0.23
N LYS A 20 -6.89 -12.65 -0.38
CA LYS A 20 -8.13 -12.76 0.41
C LYS A 20 -7.82 -12.71 1.90
N ALA A 21 -6.88 -13.56 2.33
CA ALA A 21 -6.52 -13.67 3.73
C ALA A 21 -5.99 -12.33 4.27
N VAL A 22 -5.35 -11.58 3.39
CA VAL A 22 -4.81 -10.28 3.76
C VAL A 22 -5.93 -9.27 3.88
N LEU A 23 -6.75 -9.17 2.83
CA LEU A 23 -7.81 -8.20 2.80
C LEU A 23 -8.88 -8.49 3.85
N ASP A 24 -9.02 -9.76 4.20
CA ASP A 24 -9.92 -10.17 5.25
C ASP A 24 -9.48 -9.61 6.60
N GLU A 25 -8.18 -9.70 6.85
CA GLU A 25 -7.62 -9.28 8.12
C GLU A 25 -7.55 -7.75 8.21
N LEU A 26 -7.08 -7.11 7.15
CA LEU A 26 -6.95 -5.66 7.14
C LEU A 26 -8.32 -5.00 7.02
N ASN A 27 -9.33 -5.78 6.65
CA ASN A 27 -10.69 -5.30 6.63
C ASN A 27 -11.14 -4.93 8.03
N LYS A 28 -10.53 -5.58 9.02
CA LYS A 28 -10.75 -5.23 10.42
C LYS A 28 -9.66 -4.26 10.86
N GLY A 29 -8.51 -4.36 10.18
CA GLY A 29 -7.47 -3.36 10.31
C GLY A 29 -6.66 -3.48 11.57
N GLY A 30 -6.26 -4.68 11.94
CA GLY A 30 -5.48 -4.80 13.16
C GLY A 30 -4.02 -4.52 12.95
N ASP A 31 -3.35 -5.34 12.15
CA ASP A 31 -1.98 -5.06 11.75
C ASP A 31 -1.73 -5.43 10.29
N PHE A 32 -1.45 -4.45 9.45
CA PHE A 32 -1.09 -4.73 8.06
C PHE A 32 0.35 -5.21 7.98
N ALA A 33 1.19 -4.69 8.87
CA ALA A 33 2.61 -5.04 8.86
C ALA A 33 2.81 -6.52 9.17
N ALA A 34 1.90 -7.08 9.94
CA ALA A 34 1.96 -8.50 10.29
C ALA A 34 1.62 -9.33 9.06
N LEU A 35 0.61 -8.88 8.33
CA LEU A 35 0.21 -9.51 7.08
C LEU A 35 1.36 -9.44 6.10
N ALA A 36 1.96 -8.26 6.04
CA ALA A 36 3.04 -7.95 5.11
C ALA A 36 4.21 -8.92 5.24
N LYS A 37 4.67 -9.09 6.47
CA LYS A 37 5.90 -9.83 6.71
C LYS A 37 5.68 -11.34 6.63
N GLU A 38 4.44 -11.77 6.82
CA GLU A 38 4.17 -13.19 6.98
C GLU A 38 4.11 -13.96 5.64
N LYS A 39 3.21 -13.60 4.74
CA LYS A 39 2.99 -14.42 3.53
C LYS A 39 3.62 -13.83 2.28
N SER A 40 3.85 -12.53 2.30
CA SER A 40 4.11 -11.78 1.09
C SER A 40 5.52 -12.01 0.56
N ALA A 41 5.66 -11.96 -0.77
CA ALA A 41 6.97 -12.04 -1.42
C ALA A 41 7.63 -10.66 -1.40
N ASP A 42 6.96 -9.74 -0.75
CA ASP A 42 7.40 -8.36 -0.59
C ASP A 42 8.61 -8.25 0.32
N ILE A 43 8.91 -9.31 1.07
CA ILE A 43 9.62 -9.24 2.35
C ILE A 43 10.98 -8.52 2.27
N ILE A 44 11.51 -8.33 1.08
CA ILE A 44 12.64 -7.42 0.90
C ILE A 44 12.31 -6.06 1.55
N SER A 45 11.06 -5.62 1.36
CA SER A 45 10.57 -4.38 1.96
C SER A 45 9.38 -4.62 2.90
N ALA A 46 8.88 -5.86 2.94
CA ALA A 46 7.75 -6.18 3.81
C ALA A 46 8.18 -6.18 5.27
N ARG A 47 9.44 -6.52 5.52
CA ARG A 47 9.96 -6.62 6.88
C ARG A 47 9.83 -5.29 7.64
N ASN A 48 9.85 -4.18 6.90
CA ASN A 48 9.65 -2.86 7.50
C ASN A 48 8.17 -2.47 7.50
N GLY A 49 7.33 -3.47 7.25
CA GLY A 49 5.89 -3.27 7.25
C GLY A 49 5.34 -2.92 5.88
N GLY A 50 6.08 -3.29 4.85
CA GLY A 50 5.60 -3.11 3.48
C GLY A 50 5.62 -1.65 3.06
N ASP A 51 6.25 -0.83 3.88
CA ASP A 51 6.32 0.60 3.64
C ASP A 51 7.32 0.91 2.55
N MET A 52 6.83 1.46 1.45
CA MET A 52 7.69 1.87 0.35
C MET A 52 8.32 3.21 0.66
N GLY A 53 7.69 3.92 1.58
CA GLY A 53 8.14 5.25 1.94
C GLY A 53 7.21 6.31 1.41
N TRP A 54 7.70 7.53 1.36
CA TRP A 54 6.91 8.63 0.83
C TRP A 54 7.23 8.86 -0.63
N LEU A 55 6.22 8.73 -1.46
CA LEU A 55 6.38 9.02 -2.87
C LEU A 55 5.63 10.30 -3.19
N GLU A 56 6.06 10.96 -4.24
CA GLU A 56 5.45 12.20 -4.65
C GLU A 56 4.37 11.92 -5.70
N ASP A 57 3.20 12.50 -5.48
CA ASP A 57 2.05 12.24 -6.32
C ASP A 57 2.33 12.65 -7.76
N ALA A 58 1.71 11.93 -8.68
CA ALA A 58 1.92 12.09 -10.12
C ALA A 58 3.35 11.76 -10.52
N THR A 59 4.14 11.24 -9.57
CA THR A 59 5.43 10.65 -9.87
C THR A 59 5.36 9.14 -9.61
N ILE A 60 4.19 8.73 -9.17
CA ILE A 60 3.93 7.35 -8.77
C ILE A 60 3.80 6.45 -10.00
N PRO A 61 4.40 5.25 -9.96
CA PRO A 61 4.24 4.27 -11.03
C PRO A 61 2.78 3.85 -11.19
N ASP A 62 2.40 3.58 -12.43
CA ASP A 62 1.01 3.32 -12.82
C ASP A 62 0.40 2.17 -12.03
N GLU A 63 1.25 1.29 -11.52
CA GLU A 63 0.80 0.17 -10.70
C GLU A 63 0.03 0.65 -9.48
N LEU A 64 0.58 1.62 -8.77
CA LEU A 64 -0.05 2.12 -7.55
C LEU A 64 -1.11 3.18 -7.89
N LYS A 65 -1.07 3.70 -9.11
CA LYS A 65 -2.11 4.62 -9.57
C LYS A 65 -3.46 3.94 -9.62
N ASN A 66 -3.42 2.66 -9.96
CA ASN A 66 -4.60 1.83 -10.10
C ASN A 66 -5.24 1.52 -8.74
N ALA A 67 -4.56 1.93 -7.67
CA ALA A 67 -5.05 1.71 -6.32
C ALA A 67 -6.25 2.59 -6.02
N GLY A 68 -6.20 3.84 -6.51
CA GLY A 68 -7.23 4.81 -6.20
C GLY A 68 -7.14 5.30 -4.76
N LEU A 69 -6.01 5.03 -4.13
CA LEU A 69 -5.80 5.31 -2.73
C LEU A 69 -5.42 6.78 -2.48
N LYS A 70 -6.40 7.66 -2.50
CA LYS A 70 -6.15 9.07 -2.16
C LYS A 70 -6.61 9.45 -0.75
N GLU A 71 -7.44 8.61 -0.13
CA GLU A 71 -7.98 8.93 1.20
C GLU A 71 -7.39 8.02 2.27
N LYS A 72 -6.82 8.61 3.31
CA LYS A 72 -6.02 7.87 4.29
C LYS A 72 -6.86 6.89 5.09
N GLY A 73 -6.36 5.66 5.21
CA GLY A 73 -7.07 4.61 5.90
C GLY A 73 -7.72 3.67 4.92
N GLN A 74 -7.60 3.99 3.64
CA GLN A 74 -8.12 3.12 2.60
C GLN A 74 -7.12 1.99 2.35
N LEU A 75 -7.54 0.79 2.65
CA LEU A 75 -6.74 -0.40 2.46
C LEU A 75 -7.58 -1.48 1.80
N SER A 76 -6.91 -2.55 1.36
CA SER A 76 -7.53 -3.63 0.60
C SER A 76 -7.73 -3.22 -0.85
N GLY A 77 -6.67 -2.66 -1.41
CA GLY A 77 -6.58 -2.46 -2.83
C GLY A 77 -5.80 -3.58 -3.46
N VAL A 78 -6.50 -4.51 -4.10
CA VAL A 78 -5.85 -5.69 -4.64
C VAL A 78 -5.71 -5.55 -6.14
N ILE A 79 -4.47 -5.44 -6.57
CA ILE A 79 -4.19 -5.26 -7.97
C ILE A 79 -3.93 -6.61 -8.63
N LYS A 80 -4.87 -7.02 -9.46
CA LYS A 80 -4.83 -8.34 -10.06
C LYS A 80 -3.80 -8.40 -11.17
N SER A 81 -2.77 -9.19 -10.92
CA SER A 81 -1.76 -9.48 -11.90
C SER A 81 -1.63 -10.99 -12.00
N SER A 82 -1.52 -11.48 -13.23
CA SER A 82 -1.47 -12.91 -13.48
C SER A 82 -0.26 -13.57 -12.82
N VAL A 83 0.78 -12.77 -12.62
CA VAL A 83 2.01 -13.25 -11.99
C VAL A 83 1.87 -13.33 -10.46
N GLY A 84 0.89 -12.61 -9.93
CA GLY A 84 0.72 -12.53 -8.50
C GLY A 84 -0.13 -11.34 -8.12
N PHE A 85 -0.63 -11.33 -6.91
CA PHE A 85 -1.58 -10.32 -6.50
C PHE A 85 -0.95 -9.36 -5.52
N LEU A 86 -1.06 -8.08 -5.79
CA LEU A 86 -0.43 -7.10 -4.94
C LEU A 86 -1.47 -6.30 -4.19
N ILE A 87 -1.19 -6.06 -2.94
CA ILE A 87 -2.12 -5.40 -2.05
C ILE A 87 -1.53 -4.09 -1.55
N VAL A 88 -2.24 -3.02 -1.82
CA VAL A 88 -1.78 -1.68 -1.48
C VAL A 88 -2.67 -1.06 -0.39
N ARG A 89 -2.06 -0.34 0.54
CA ARG A 89 -2.82 0.39 1.56
C ARG A 89 -2.21 1.76 1.79
N LEU A 90 -3.03 2.65 2.32
CA LEU A 90 -2.62 4.01 2.61
C LEU A 90 -2.21 4.17 4.04
N ASP A 91 -0.92 4.36 4.26
CA ASP A 91 -0.42 4.55 5.62
C ASP A 91 -0.66 5.97 6.11
N ASP A 92 -0.20 6.95 5.33
CA ASP A 92 -0.33 8.35 5.72
C ASP A 92 -0.32 9.26 4.50
N ILE A 93 -0.82 10.47 4.66
CA ILE A 93 -0.87 11.45 3.58
C ILE A 93 -0.26 12.77 4.06
N GLN A 94 0.57 13.39 3.22
CA GLN A 94 1.19 14.67 3.54
C GLN A 94 0.94 15.70 2.45
N ALA A 95 0.28 16.78 2.83
CA ALA A 95 0.03 17.94 1.95
C ALA A 95 -0.86 17.57 0.76
N ALA A 96 -1.65 16.52 0.92
CA ALA A 96 -2.58 16.13 -0.13
C ALA A 96 -4.02 16.36 0.29
N HIS A 97 -4.55 15.50 1.15
CA HIS A 97 -5.88 15.68 1.70
C HIS A 97 -5.96 15.05 3.08
N HIS A 98 -6.18 15.87 4.09
CA HIS A 98 -6.27 15.39 5.46
C HIS A 98 -7.54 15.90 6.12
N HIS A 99 -7.54 17.15 6.54
CA HIS A 99 -8.69 17.75 7.18
C HIS A 99 -8.81 19.22 6.83
N HIS A 100 -7.68 19.90 6.76
CA HIS A 100 -7.64 21.29 6.31
C HIS A 100 -7.85 21.33 4.80
N HIS A 101 -8.10 22.52 4.27
CA HIS A 101 -8.50 22.65 2.87
C HIS A 101 -7.36 22.32 1.91
N HIS A 102 -7.31 21.07 1.49
CA HIS A 102 -6.42 20.64 0.44
C HIS A 102 -7.05 19.43 -0.25
N THR A 1 2.52 24.68 -4.43
CA THR A 1 3.89 25.10 -4.78
C THR A 1 4.91 24.23 -4.04
N GLN A 2 4.66 22.92 -4.07
CA GLN A 2 5.49 21.97 -3.35
C GLN A 2 5.07 20.56 -3.72
N PRO A 3 5.96 19.59 -3.55
CA PRO A 3 5.67 18.20 -3.81
C PRO A 3 5.11 17.50 -2.59
N GLN A 4 3.83 17.17 -2.64
CA GLN A 4 3.18 16.44 -1.57
C GLN A 4 3.51 14.96 -1.71
N ARG A 5 3.38 14.23 -0.63
CA ARG A 5 3.83 12.84 -0.61
C ARG A 5 2.74 11.91 -0.10
N THR A 6 2.79 10.68 -0.56
CA THR A 6 1.86 9.66 -0.13
C THR A 6 2.64 8.42 0.31
N ARG A 7 2.32 7.90 1.47
CA ARG A 7 3.00 6.72 1.98
C ARG A 7 2.21 5.48 1.63
N TYR A 8 2.75 4.67 0.75
CA TYR A 8 2.10 3.44 0.34
C TYR A 8 2.79 2.24 0.95
N SER A 9 2.01 1.23 1.25
CA SER A 9 2.53 -0.06 1.62
C SER A 9 1.91 -1.11 0.72
N ILE A 10 2.72 -1.99 0.18
CA ILE A 10 2.25 -2.98 -0.78
C ILE A 10 2.86 -4.33 -0.47
N ILE A 11 2.15 -5.40 -0.76
CA ILE A 11 2.66 -6.74 -0.56
C ILE A 11 2.25 -7.65 -1.72
N GLN A 12 3.10 -8.61 -2.05
CA GLN A 12 2.88 -9.49 -3.17
C GLN A 12 2.43 -10.87 -2.69
N THR A 13 1.26 -11.28 -3.12
CA THR A 13 0.72 -12.57 -2.73
C THR A 13 0.99 -13.61 -3.80
N LYS A 14 1.05 -14.86 -3.37
CA LYS A 14 1.40 -15.96 -4.25
C LYS A 14 0.18 -16.47 -5.01
N THR A 15 -1.00 -16.27 -4.43
CA THR A 15 -2.25 -16.65 -5.08
C THR A 15 -3.37 -15.71 -4.63
N GLU A 16 -4.50 -15.69 -5.34
CA GLU A 16 -5.61 -14.82 -4.98
C GLU A 16 -6.04 -15.06 -3.53
N ASP A 17 -6.03 -16.33 -3.15
CA ASP A 17 -6.41 -16.75 -1.80
C ASP A 17 -5.54 -16.07 -0.75
N GLU A 18 -4.27 -15.91 -1.08
CA GLU A 18 -3.31 -15.35 -0.15
C GLU A 18 -3.65 -13.90 0.12
N ALA A 19 -4.14 -13.22 -0.90
CA ALA A 19 -4.55 -11.83 -0.78
C ALA A 19 -5.82 -11.71 0.05
N LYS A 20 -6.74 -12.66 -0.15
CA LYS A 20 -8.00 -12.70 0.57
C LYS A 20 -7.77 -12.76 2.08
N ALA A 21 -6.83 -13.61 2.50
CA ALA A 21 -6.52 -13.76 3.91
C ALA A 21 -5.96 -12.46 4.49
N VAL A 22 -5.22 -11.74 3.66
CA VAL A 22 -4.62 -10.48 4.07
C VAL A 22 -5.68 -9.39 4.17
N LEU A 23 -6.50 -9.28 3.12
CA LEU A 23 -7.51 -8.23 3.07
C LEU A 23 -8.57 -8.44 4.13
N ASP A 24 -8.78 -9.69 4.51
CA ASP A 24 -9.75 -10.01 5.56
C ASP A 24 -9.32 -9.41 6.89
N GLU A 25 -8.05 -9.60 7.21
CA GLU A 25 -7.51 -9.16 8.49
C GLU A 25 -7.33 -7.65 8.51
N LEU A 26 -6.88 -7.09 7.39
CA LEU A 26 -6.65 -5.64 7.33
C LEU A 26 -7.97 -4.89 7.30
N ASN A 27 -9.06 -5.59 6.97
CA ASN A 27 -10.38 -4.97 7.01
C ASN A 27 -10.79 -4.70 8.44
N LYS A 28 -10.15 -5.41 9.37
CA LYS A 28 -10.32 -5.13 10.78
C LYS A 28 -9.50 -3.91 11.14
N GLY A 29 -8.45 -3.70 10.35
CA GLY A 29 -7.64 -2.51 10.45
C GLY A 29 -6.69 -2.55 11.62
N GLY A 30 -6.23 -3.75 11.98
CA GLY A 30 -5.36 -3.84 13.12
C GLY A 30 -3.89 -3.73 12.77
N ASP A 31 -3.39 -4.69 12.01
CA ASP A 31 -2.00 -4.64 11.57
C ASP A 31 -1.86 -5.13 10.12
N PHE A 32 -1.45 -4.24 9.24
CA PHE A 32 -1.13 -4.61 7.86
C PHE A 32 0.30 -5.12 7.76
N ALA A 33 1.20 -4.42 8.45
CA ALA A 33 2.62 -4.75 8.43
C ALA A 33 2.86 -6.21 8.81
N ALA A 34 2.03 -6.72 9.70
CA ALA A 34 2.11 -8.10 10.12
C ALA A 34 1.74 -9.03 8.98
N LEU A 35 0.65 -8.69 8.29
CA LEU A 35 0.16 -9.45 7.16
C LEU A 35 1.24 -9.51 6.07
N ALA A 36 1.92 -8.38 5.91
CA ALA A 36 2.99 -8.23 4.95
C ALA A 36 4.11 -9.24 5.20
N LYS A 37 4.58 -9.29 6.44
CA LYS A 37 5.74 -10.09 6.78
C LYS A 37 5.44 -11.57 6.71
N GLU A 38 4.23 -11.96 7.07
CA GLU A 38 3.87 -13.38 7.13
C GLU A 38 3.57 -13.98 5.76
N LYS A 39 2.64 -13.38 5.04
CA LYS A 39 2.07 -14.03 3.86
C LYS A 39 2.73 -13.58 2.55
N SER A 40 3.31 -12.42 2.56
CA SER A 40 3.72 -11.80 1.33
C SER A 40 5.18 -12.12 0.97
N ALA A 41 5.43 -12.20 -0.34
CA ALA A 41 6.79 -12.37 -0.87
C ALA A 41 7.49 -11.02 -0.96
N ASP A 42 6.76 -9.99 -0.52
CA ASP A 42 7.23 -8.60 -0.49
C ASP A 42 8.46 -8.42 0.40
N ILE A 43 8.77 -9.42 1.23
CA ILE A 43 9.49 -9.23 2.50
C ILE A 43 10.83 -8.52 2.38
N ILE A 44 11.38 -8.39 1.18
CA ILE A 44 12.48 -7.46 0.96
C ILE A 44 12.10 -6.06 1.49
N SER A 45 10.81 -5.74 1.40
CA SER A 45 10.26 -4.51 1.97
C SER A 45 9.18 -4.82 3.01
N ALA A 46 8.60 -6.02 2.97
CA ALA A 46 7.57 -6.39 3.93
C ALA A 46 8.10 -6.45 5.34
N ARG A 47 9.39 -6.77 5.51
CA ARG A 47 10.00 -6.86 6.82
C ARG A 47 9.87 -5.54 7.59
N ASN A 48 9.91 -4.43 6.89
CA ASN A 48 9.73 -3.12 7.49
C ASN A 48 8.25 -2.73 7.50
N GLY A 49 7.40 -3.72 7.26
CA GLY A 49 5.96 -3.51 7.28
C GLY A 49 5.39 -3.18 5.92
N GLY A 50 6.11 -3.60 4.88
CA GLY A 50 5.61 -3.45 3.53
C GLY A 50 5.64 -2.01 3.06
N ASP A 51 6.36 -1.19 3.81
CA ASP A 51 6.42 0.23 3.52
C ASP A 51 7.50 0.52 2.49
N MET A 52 7.07 1.02 1.34
CA MET A 52 7.99 1.34 0.26
C MET A 52 8.64 2.69 0.53
N GLY A 53 8.00 3.48 1.37
CA GLY A 53 8.50 4.79 1.67
C GLY A 53 7.55 5.88 1.20
N TRP A 54 8.04 7.10 1.18
CA TRP A 54 7.23 8.23 0.77
C TRP A 54 7.51 8.60 -0.67
N LEU A 55 6.52 8.41 -1.52
CA LEU A 55 6.61 8.86 -2.89
C LEU A 55 5.87 10.17 -3.05
N GLU A 56 6.27 10.97 -4.02
CA GLU A 56 5.66 12.26 -4.24
C GLU A 56 4.41 12.10 -5.10
N ASP A 57 3.32 12.71 -4.67
CA ASP A 57 2.05 12.56 -5.37
C ASP A 57 2.12 13.21 -6.74
N ALA A 58 1.41 12.59 -7.68
CA ALA A 58 1.46 12.96 -9.10
C ALA A 58 2.85 12.70 -9.69
N THR A 59 3.70 12.07 -8.89
CA THR A 59 4.94 11.48 -9.39
C THR A 59 4.85 9.96 -9.28
N ILE A 60 3.65 9.50 -8.95
CA ILE A 60 3.41 8.10 -8.65
C ILE A 60 3.24 7.28 -9.93
N PRO A 61 3.84 6.08 -9.98
CA PRO A 61 3.69 5.16 -11.12
C PRO A 61 2.24 4.75 -11.32
N ASP A 62 1.90 4.43 -12.57
CA ASP A 62 0.52 4.25 -12.98
C ASP A 62 -0.14 3.03 -12.32
N GLU A 63 0.66 2.06 -11.92
CA GLU A 63 0.14 0.89 -11.23
C GLU A 63 -0.34 1.27 -9.83
N LEU A 64 0.25 2.33 -9.29
CA LEU A 64 -0.18 2.85 -7.99
C LEU A 64 -1.42 3.71 -8.14
N LYS A 65 -1.63 4.22 -9.35
CA LYS A 65 -2.80 5.04 -9.64
C LYS A 65 -4.05 4.17 -9.71
N ASN A 66 -3.94 3.03 -10.40
CA ASN A 66 -5.09 2.15 -10.58
C ASN A 66 -5.40 1.40 -9.29
N ALA A 67 -4.54 1.58 -8.30
CA ALA A 67 -4.77 1.03 -6.96
C ALA A 67 -6.02 1.67 -6.35
N GLY A 68 -6.27 2.93 -6.70
CA GLY A 68 -7.47 3.61 -6.29
C GLY A 68 -7.38 4.15 -4.88
N LEU A 69 -6.17 4.42 -4.42
CA LEU A 69 -5.95 4.86 -3.05
C LEU A 69 -5.72 6.37 -2.97
N LYS A 70 -6.80 7.13 -2.88
CA LYS A 70 -6.70 8.58 -2.73
C LYS A 70 -6.93 9.00 -1.27
N GLU A 71 -7.92 8.39 -0.62
CA GLU A 71 -8.30 8.79 0.74
C GLU A 71 -7.59 7.93 1.80
N LYS A 72 -6.95 8.62 2.74
CA LYS A 72 -6.11 7.97 3.73
C LYS A 72 -6.92 7.08 4.67
N GLY A 73 -6.42 5.87 4.89
CA GLY A 73 -7.10 4.94 5.77
C GLY A 73 -7.74 3.83 4.98
N GLN A 74 -7.74 3.99 3.66
CA GLN A 74 -8.30 2.98 2.78
C GLN A 74 -7.25 1.93 2.45
N LEU A 75 -7.62 0.68 2.65
CA LEU A 75 -6.73 -0.44 2.41
C LEU A 75 -7.51 -1.62 1.88
N SER A 76 -6.79 -2.65 1.42
CA SER A 76 -7.33 -3.83 0.70
C SER A 76 -7.62 -3.49 -0.75
N GLY A 77 -6.67 -2.81 -1.37
CA GLY A 77 -6.71 -2.66 -2.80
C GLY A 77 -5.94 -3.77 -3.47
N VAL A 78 -6.67 -4.74 -4.03
CA VAL A 78 -6.05 -5.92 -4.58
C VAL A 78 -5.88 -5.76 -6.08
N ILE A 79 -4.64 -5.70 -6.51
CA ILE A 79 -4.33 -5.49 -7.91
C ILE A 79 -3.87 -6.79 -8.54
N LYS A 80 -4.55 -7.18 -9.62
CA LYS A 80 -4.21 -8.42 -10.29
C LYS A 80 -3.05 -8.19 -11.25
N SER A 81 -2.03 -9.01 -11.09
CA SER A 81 -0.89 -8.99 -11.98
C SER A 81 -0.62 -10.41 -12.45
N SER A 82 0.08 -10.55 -13.56
CA SER A 82 0.42 -11.85 -14.08
C SER A 82 1.38 -12.59 -13.15
N VAL A 83 2.15 -11.81 -12.38
CA VAL A 83 3.11 -12.37 -11.42
C VAL A 83 2.44 -12.76 -10.11
N GLY A 84 1.19 -12.33 -9.94
CA GLY A 84 0.47 -12.58 -8.70
C GLY A 84 -0.42 -11.42 -8.33
N PHE A 85 -0.84 -11.35 -7.08
CA PHE A 85 -1.72 -10.28 -6.64
C PHE A 85 -1.01 -9.35 -5.70
N LEU A 86 -1.24 -8.07 -5.87
CA LEU A 86 -0.60 -7.05 -5.07
C LEU A 86 -1.62 -6.33 -4.21
N ILE A 87 -1.28 -6.12 -2.95
CA ILE A 87 -2.19 -5.46 -2.02
C ILE A 87 -1.62 -4.12 -1.61
N VAL A 88 -2.38 -3.06 -1.87
CA VAL A 88 -1.93 -1.72 -1.61
C VAL A 88 -2.66 -1.12 -0.39
N ARG A 89 -1.91 -0.38 0.42
CA ARG A 89 -2.45 0.25 1.62
C ARG A 89 -2.02 1.71 1.69
N LEU A 90 -2.94 2.57 2.15
CA LEU A 90 -2.64 3.97 2.37
C LEU A 90 -2.25 4.21 3.81
N ASP A 91 -0.98 4.50 4.02
CA ASP A 91 -0.50 4.75 5.37
C ASP A 91 -0.80 6.18 5.81
N ASP A 92 -0.36 7.16 5.03
CA ASP A 92 -0.49 8.56 5.42
C ASP A 92 -0.46 9.48 4.19
N ILE A 93 -0.77 10.76 4.41
CA ILE A 93 -0.72 11.77 3.34
C ILE A 93 0.12 12.96 3.82
N GLN A 94 1.20 13.25 3.10
CA GLN A 94 2.20 14.21 3.56
C GLN A 94 2.06 15.56 2.87
N ALA A 95 2.11 16.63 3.68
CA ALA A 95 2.27 18.01 3.20
C ALA A 95 1.03 18.59 2.54
N ALA A 96 0.32 17.77 1.80
CA ALA A 96 -0.84 18.19 1.01
C ALA A 96 -1.86 18.96 1.86
N HIS A 97 -1.85 20.29 1.72
CA HIS A 97 -2.79 21.18 2.42
C HIS A 97 -2.47 21.24 3.92
N HIS A 98 -1.53 20.41 4.35
CA HIS A 98 -1.18 20.30 5.76
C HIS A 98 -0.25 21.45 6.16
N HIS A 99 0.52 21.93 5.20
CA HIS A 99 1.41 23.09 5.43
C HIS A 99 0.77 24.37 4.92
N HIS A 100 -0.56 24.41 4.93
CA HIS A 100 -1.33 25.56 4.45
C HIS A 100 -1.21 25.70 2.93
N HIS A 101 -0.53 24.75 2.30
CA HIS A 101 -0.32 24.80 0.86
C HIS A 101 -0.63 23.47 0.20
N HIS A 102 -1.35 23.54 -0.90
CA HIS A 102 -1.64 22.39 -1.73
C HIS A 102 -1.34 22.75 -3.18
N THR A 1 4.35 23.81 -5.28
CA THR A 1 5.58 23.91 -6.11
C THR A 1 6.26 22.55 -6.22
N GLN A 2 6.10 21.71 -5.20
CA GLN A 2 6.63 20.36 -5.24
C GLN A 2 5.45 19.39 -5.17
N PRO A 3 5.68 18.11 -5.49
CA PRO A 3 4.62 17.11 -5.47
C PRO A 3 4.34 16.61 -4.06
N GLN A 4 3.07 16.35 -3.77
CA GLN A 4 2.66 15.84 -2.48
C GLN A 4 3.13 14.41 -2.32
N ARG A 5 3.25 13.93 -1.11
CA ARG A 5 3.84 12.63 -0.86
C ARG A 5 2.88 11.70 -0.12
N THR A 6 2.80 10.48 -0.60
CA THR A 6 1.90 9.50 -0.04
C THR A 6 2.70 8.29 0.47
N ARG A 7 2.33 7.79 1.64
CA ARG A 7 2.97 6.61 2.18
C ARG A 7 2.15 5.38 1.84
N TYR A 8 2.68 4.55 0.96
CA TYR A 8 1.96 3.35 0.54
C TYR A 8 2.61 2.10 1.10
N SER A 9 1.77 1.19 1.55
CA SER A 9 2.21 -0.14 1.91
C SER A 9 1.67 -1.13 0.89
N ILE A 10 2.53 -1.98 0.40
CA ILE A 10 2.17 -2.94 -0.62
C ILE A 10 2.87 -4.26 -0.36
N ILE A 11 2.21 -5.36 -0.64
CA ILE A 11 2.84 -6.66 -0.52
C ILE A 11 2.41 -7.56 -1.67
N GLN A 12 3.31 -8.43 -2.10
CA GLN A 12 3.04 -9.31 -3.22
C GLN A 12 2.59 -10.67 -2.72
N THR A 13 1.38 -11.05 -3.08
CA THR A 13 0.83 -12.32 -2.67
C THR A 13 0.98 -13.35 -3.77
N LYS A 14 1.00 -14.63 -3.37
CA LYS A 14 1.22 -15.73 -4.31
C LYS A 14 0.05 -15.86 -5.27
N THR A 15 -1.16 -15.65 -4.77
CA THR A 15 -2.37 -15.83 -5.56
C THR A 15 -3.47 -14.90 -5.03
N GLU A 16 -4.60 -14.81 -5.74
CA GLU A 16 -5.71 -13.97 -5.30
C GLU A 16 -6.23 -14.47 -3.96
N ASP A 17 -6.20 -15.78 -3.80
CA ASP A 17 -6.57 -16.43 -2.54
C ASP A 17 -5.74 -15.88 -1.40
N GLU A 18 -4.44 -15.74 -1.66
CA GLU A 18 -3.50 -15.18 -0.71
C GLU A 18 -3.88 -13.75 -0.36
N ALA A 19 -4.29 -12.99 -1.37
CA ALA A 19 -4.71 -11.62 -1.19
C ALA A 19 -5.92 -11.54 -0.26
N LYS A 20 -6.85 -12.47 -0.43
CA LYS A 20 -8.05 -12.55 0.40
C LYS A 20 -7.71 -12.64 1.88
N ALA A 21 -6.81 -13.55 2.22
CA ALA A 21 -6.41 -13.75 3.61
C ALA A 21 -5.72 -12.52 4.17
N VAL A 22 -5.03 -11.80 3.29
CA VAL A 22 -4.34 -10.59 3.69
C VAL A 22 -5.35 -9.47 3.91
N LEU A 23 -6.22 -9.26 2.93
CA LEU A 23 -7.14 -8.15 2.96
C LEU A 23 -8.14 -8.29 4.09
N ASP A 24 -8.48 -9.52 4.45
CA ASP A 24 -9.46 -9.76 5.51
C ASP A 24 -9.02 -9.09 6.81
N GLU A 25 -7.80 -9.40 7.24
CA GLU A 25 -7.31 -8.91 8.51
C GLU A 25 -6.97 -7.42 8.44
N LEU A 26 -6.50 -6.95 7.30
CA LEU A 26 -6.16 -5.54 7.17
C LEU A 26 -7.43 -4.70 7.09
N ASN A 27 -8.54 -5.34 6.71
CA ASN A 27 -9.84 -4.68 6.74
C ASN A 27 -10.29 -4.48 8.18
N LYS A 28 -9.86 -5.38 9.06
CA LYS A 28 -10.05 -5.22 10.48
C LYS A 28 -9.16 -4.08 10.97
N GLY A 29 -8.03 -3.93 10.31
CA GLY A 29 -7.17 -2.78 10.51
C GLY A 29 -6.29 -2.92 11.72
N GLY A 30 -5.86 -4.14 12.03
CA GLY A 30 -5.04 -4.31 13.20
C GLY A 30 -3.56 -4.20 12.91
N ASP A 31 -3.04 -5.12 12.11
CA ASP A 31 -1.66 -5.04 11.68
C ASP A 31 -1.51 -5.45 10.22
N PHE A 32 -1.04 -4.52 9.40
CA PHE A 32 -0.77 -4.82 8.00
C PHE A 32 0.62 -5.44 7.86
N ALA A 33 1.51 -5.03 8.75
CA ALA A 33 2.88 -5.51 8.74
C ALA A 33 2.92 -7.02 8.95
N ALA A 34 2.00 -7.54 9.75
CA ALA A 34 1.95 -8.96 10.03
C ALA A 34 1.60 -9.73 8.77
N LEU A 35 0.70 -9.16 8.00
CA LEU A 35 0.24 -9.75 6.74
C LEU A 35 1.41 -9.76 5.76
N ALA A 36 2.12 -8.65 5.75
CA ALA A 36 3.28 -8.45 4.89
C ALA A 36 4.40 -9.42 5.25
N LYS A 37 4.78 -9.40 6.50
CA LYS A 37 5.99 -10.09 6.95
C LYS A 37 5.83 -11.61 6.90
N GLU A 38 4.63 -12.10 7.14
CA GLU A 38 4.44 -13.54 7.19
C GLU A 38 4.31 -14.21 5.80
N LYS A 39 3.31 -13.81 5.01
CA LYS A 39 2.98 -14.60 3.81
C LYS A 39 3.50 -14.03 2.47
N SER A 40 3.69 -12.73 2.38
CA SER A 40 3.97 -12.12 1.08
C SER A 40 5.43 -12.26 0.66
N ALA A 41 5.67 -12.05 -0.64
CA ALA A 41 7.03 -12.03 -1.19
C ALA A 41 7.65 -10.64 -1.00
N ASP A 42 6.89 -9.80 -0.34
CA ASP A 42 7.29 -8.42 -0.04
C ASP A 42 8.39 -8.37 1.01
N ILE A 43 8.58 -9.48 1.73
CA ILE A 43 9.21 -9.50 3.05
C ILE A 43 10.61 -8.88 3.09
N ILE A 44 11.24 -8.71 1.94
CA ILE A 44 12.47 -7.95 1.86
C ILE A 44 12.26 -6.53 2.40
N SER A 45 11.10 -5.94 2.04
CA SER A 45 10.74 -4.61 2.50
C SER A 45 9.59 -4.66 3.50
N ALA A 46 8.93 -5.82 3.58
CA ALA A 46 7.80 -6.02 4.51
C ALA A 46 8.17 -5.68 5.94
N ARG A 47 9.44 -5.82 6.28
CA ARG A 47 9.93 -5.48 7.62
C ARG A 47 9.55 -4.06 8.01
N ASN A 48 9.37 -3.19 7.01
CA ASN A 48 8.96 -1.80 7.24
C ASN A 48 7.46 -1.72 7.51
N GLY A 49 6.78 -2.86 7.47
CA GLY A 49 5.33 -2.89 7.57
C GLY A 49 4.70 -2.83 6.20
N GLY A 50 5.38 -3.43 5.22
CA GLY A 50 4.94 -3.36 3.84
C GLY A 50 5.14 -1.98 3.27
N ASP A 51 5.87 -1.17 4.01
CA ASP A 51 6.03 0.24 3.70
C ASP A 51 7.02 0.46 2.56
N MET A 52 6.53 1.05 1.48
CA MET A 52 7.37 1.47 0.37
C MET A 52 8.08 2.75 0.74
N GLY A 53 7.51 3.45 1.71
CA GLY A 53 8.03 4.73 2.10
C GLY A 53 7.20 5.86 1.55
N TRP A 54 7.70 7.07 1.67
CA TRP A 54 6.99 8.21 1.13
C TRP A 54 7.37 8.45 -0.30
N LEU A 55 6.42 8.25 -1.19
CA LEU A 55 6.62 8.49 -2.60
C LEU A 55 5.92 9.77 -3.00
N GLU A 56 6.41 10.40 -4.05
CA GLU A 56 5.85 11.65 -4.51
C GLU A 56 4.71 11.38 -5.49
N ASP A 57 3.56 11.97 -5.24
CA ASP A 57 2.42 11.78 -6.11
C ASP A 57 2.73 12.34 -7.48
N ALA A 58 2.10 11.76 -8.49
CA ALA A 58 2.33 12.10 -9.90
C ALA A 58 3.69 11.55 -10.38
N THR A 59 4.33 10.74 -9.56
CA THR A 59 5.44 9.90 -10.01
C THR A 59 5.00 8.44 -9.98
N ILE A 60 3.74 8.25 -9.56
CA ILE A 60 3.20 6.94 -9.26
C ILE A 60 2.79 6.21 -10.54
N PRO A 61 3.24 4.95 -10.69
CA PRO A 61 2.86 4.10 -11.82
C PRO A 61 1.38 3.73 -11.80
N ASP A 62 0.86 3.39 -12.97
CA ASP A 62 -0.57 3.15 -13.20
C ASP A 62 -1.13 2.08 -12.27
N GLU A 63 -0.29 1.16 -11.84
CA GLU A 63 -0.68 0.11 -10.90
C GLU A 63 -1.28 0.72 -9.64
N LEU A 64 -0.56 1.65 -9.02
CA LEU A 64 -1.02 2.27 -7.79
C LEU A 64 -1.99 3.41 -8.09
N LYS A 65 -2.06 3.82 -9.34
CA LYS A 65 -3.06 4.80 -9.76
C LYS A 65 -4.44 4.17 -9.66
N ASN A 66 -4.56 2.97 -10.23
CA ASN A 66 -5.81 2.22 -10.22
C ASN A 66 -6.17 1.75 -8.82
N ALA A 67 -5.21 1.84 -7.90
CA ALA A 67 -5.43 1.48 -6.51
C ALA A 67 -6.45 2.42 -5.87
N GLY A 68 -6.50 3.65 -6.40
CA GLY A 68 -7.49 4.62 -5.97
C GLY A 68 -7.33 5.06 -4.54
N LEU A 69 -6.10 4.99 -4.03
CA LEU A 69 -5.84 5.29 -2.62
C LEU A 69 -5.36 6.73 -2.44
N LYS A 70 -6.25 7.68 -2.61
CA LYS A 70 -5.91 9.08 -2.36
C LYS A 70 -6.46 9.56 -1.01
N GLU A 71 -7.54 8.92 -0.55
CA GLU A 71 -8.16 9.28 0.72
C GLU A 71 -7.58 8.40 1.83
N LYS A 72 -6.98 9.03 2.84
CA LYS A 72 -6.21 8.32 3.85
C LYS A 72 -7.10 7.43 4.71
N GLY A 73 -6.57 6.28 5.10
CA GLY A 73 -7.31 5.32 5.88
C GLY A 73 -7.86 4.21 5.03
N GLN A 74 -7.87 4.44 3.73
CA GLN A 74 -8.40 3.49 2.77
C GLN A 74 -7.35 2.42 2.45
N LEU A 75 -7.73 1.17 2.69
CA LEU A 75 -6.84 0.05 2.46
C LEU A 75 -7.60 -1.14 1.90
N SER A 76 -6.85 -2.16 1.46
CA SER A 76 -7.41 -3.35 0.82
C SER A 76 -7.77 -3.07 -0.63
N GLY A 77 -6.77 -2.61 -1.38
CA GLY A 77 -6.90 -2.50 -2.81
C GLY A 77 -6.15 -3.64 -3.47
N VAL A 78 -6.87 -4.49 -4.19
CA VAL A 78 -6.27 -5.67 -4.78
C VAL A 78 -5.97 -5.43 -6.24
N ILE A 79 -4.69 -5.40 -6.57
CA ILE A 79 -4.25 -5.17 -7.92
C ILE A 79 -3.65 -6.43 -8.52
N LYS A 80 -4.23 -6.90 -9.60
CA LYS A 80 -3.76 -8.11 -10.24
C LYS A 80 -2.56 -7.83 -11.13
N SER A 81 -1.53 -8.62 -10.98
CA SER A 81 -0.39 -8.58 -11.86
C SER A 81 -0.31 -9.91 -12.62
N SER A 82 0.52 -9.95 -13.65
CA SER A 82 0.69 -11.17 -14.42
C SER A 82 1.50 -12.18 -13.60
N VAL A 83 2.32 -11.66 -12.69
CA VAL A 83 3.19 -12.51 -11.89
C VAL A 83 2.60 -12.81 -10.51
N GLY A 84 1.47 -12.19 -10.19
CA GLY A 84 0.87 -12.40 -8.88
C GLY A 84 -0.15 -11.33 -8.54
N PHE A 85 -0.38 -11.12 -7.26
CA PHE A 85 -1.35 -10.13 -6.82
C PHE A 85 -0.72 -9.17 -5.82
N LEU A 86 -0.98 -7.89 -6.00
CA LEU A 86 -0.40 -6.86 -5.15
C LEU A 86 -1.47 -6.22 -4.29
N ILE A 87 -1.16 -6.03 -3.01
CA ILE A 87 -2.08 -5.39 -2.09
C ILE A 87 -1.59 -4.00 -1.75
N VAL A 88 -2.45 -3.00 -1.93
CA VAL A 88 -2.07 -1.62 -1.67
C VAL A 88 -2.76 -1.10 -0.40
N ARG A 89 -2.03 -0.33 0.39
CA ARG A 89 -2.51 0.16 1.67
C ARG A 89 -2.06 1.60 1.92
N LEU A 90 -2.98 2.45 2.36
CA LEU A 90 -2.65 3.84 2.70
C LEU A 90 -2.23 3.97 4.14
N ASP A 91 -0.96 4.23 4.37
CA ASP A 91 -0.49 4.46 5.74
C ASP A 91 -0.78 5.89 6.20
N ASP A 92 -0.34 6.87 5.41
CA ASP A 92 -0.54 8.28 5.75
C ASP A 92 -0.51 9.15 4.49
N ILE A 93 -0.91 10.41 4.63
CA ILE A 93 -0.97 11.35 3.51
C ILE A 93 -0.26 12.66 3.89
N GLN A 94 0.63 13.12 3.03
CA GLN A 94 1.34 14.37 3.26
C GLN A 94 1.36 15.22 1.99
N ALA A 95 1.07 16.50 2.14
CA ALA A 95 1.21 17.42 1.03
C ALA A 95 2.61 18.02 1.00
N ALA A 96 3.57 17.17 1.41
CA ALA A 96 5.00 17.52 1.46
C ALA A 96 5.30 18.50 2.58
N HIS A 97 4.70 19.67 2.52
CA HIS A 97 4.82 20.65 3.60
C HIS A 97 3.55 21.47 3.72
N HIS A 98 2.77 21.16 4.74
CA HIS A 98 1.51 21.84 5.00
C HIS A 98 1.73 23.30 5.39
N HIS A 99 2.57 23.53 6.38
CA HIS A 99 2.80 24.89 6.85
C HIS A 99 4.24 25.32 6.63
N HIS A 100 5.15 24.79 7.45
CA HIS A 100 6.55 25.21 7.36
C HIS A 100 7.44 24.02 6.99
N HIS A 101 7.64 23.09 7.93
CA HIS A 101 8.46 21.91 7.67
C HIS A 101 7.67 20.90 6.86
N HIS A 102 6.48 20.56 7.34
CA HIS A 102 5.57 19.72 6.59
C HIS A 102 4.16 19.94 7.11
N THR A 1 4.97 24.79 -8.19
CA THR A 1 4.30 24.38 -6.94
C THR A 1 4.96 23.13 -6.39
N GLN A 2 4.53 22.69 -5.22
CA GLN A 2 5.06 21.48 -4.59
C GLN A 2 3.99 20.42 -4.53
N PRO A 3 4.39 19.17 -4.75
CA PRO A 3 3.48 18.03 -4.74
C PRO A 3 3.24 17.49 -3.33
N GLN A 4 2.01 17.07 -3.07
CA GLN A 4 1.67 16.45 -1.81
C GLN A 4 2.30 15.07 -1.75
N ARG A 5 2.48 14.52 -0.55
CA ARG A 5 3.15 13.24 -0.43
C ARG A 5 2.28 12.19 0.24
N THR A 6 2.34 10.97 -0.28
CA THR A 6 1.50 9.88 0.17
C THR A 6 2.35 8.66 0.55
N ARG A 7 1.96 7.97 1.61
CA ARG A 7 2.67 6.77 2.04
C ARG A 7 1.91 5.53 1.60
N TYR A 8 2.56 4.69 0.82
CA TYR A 8 1.93 3.48 0.29
C TYR A 8 2.59 2.23 0.83
N SER A 9 1.77 1.32 1.32
CA SER A 9 2.24 0.03 1.73
C SER A 9 1.68 -1.02 0.79
N ILE A 10 2.50 -1.97 0.36
CA ILE A 10 2.07 -2.94 -0.62
C ILE A 10 2.68 -4.30 -0.30
N ILE A 11 1.94 -5.36 -0.59
CA ILE A 11 2.43 -6.72 -0.40
C ILE A 11 1.98 -7.60 -1.56
N GLN A 12 2.85 -8.52 -1.98
CA GLN A 12 2.53 -9.39 -3.10
C GLN A 12 2.07 -10.75 -2.59
N THR A 13 0.93 -11.20 -3.08
CA THR A 13 0.37 -12.47 -2.65
C THR A 13 0.57 -13.54 -3.71
N LYS A 14 0.60 -14.79 -3.26
CA LYS A 14 0.84 -15.92 -4.15
C LYS A 14 -0.40 -16.26 -4.95
N THR A 15 -1.57 -16.03 -4.36
CA THR A 15 -2.84 -16.32 -5.01
C THR A 15 -3.92 -15.38 -4.50
N GLU A 16 -5.06 -15.31 -5.18
CA GLU A 16 -6.15 -14.44 -4.76
C GLU A 16 -6.58 -14.78 -3.33
N ASP A 17 -6.51 -16.06 -3.01
CA ASP A 17 -6.87 -16.55 -1.67
C ASP A 17 -6.00 -15.91 -0.60
N GLU A 18 -4.74 -15.71 -0.95
CA GLU A 18 -3.78 -15.09 -0.06
C GLU A 18 -4.16 -13.64 0.18
N ALA A 19 -4.68 -13.00 -0.86
CA ALA A 19 -5.13 -11.62 -0.78
C ALA A 19 -6.35 -11.51 0.13
N LYS A 20 -7.33 -12.39 -0.08
CA LYS A 20 -8.54 -12.43 0.75
C LYS A 20 -8.20 -12.59 2.23
N ALA A 21 -7.28 -13.48 2.53
CA ALA A 21 -6.88 -13.70 3.92
C ALA A 21 -6.17 -12.49 4.48
N VAL A 22 -5.44 -11.80 3.63
CA VAL A 22 -4.68 -10.64 4.03
C VAL A 22 -5.61 -9.44 4.23
N LEU A 23 -6.58 -9.30 3.34
CA LEU A 23 -7.53 -8.20 3.43
C LEU A 23 -8.50 -8.38 4.59
N ASP A 24 -8.74 -9.64 4.96
CA ASP A 24 -9.61 -9.94 6.09
C ASP A 24 -9.08 -9.30 7.36
N GLU A 25 -7.76 -9.36 7.55
CA GLU A 25 -7.14 -8.80 8.75
C GLU A 25 -7.10 -7.28 8.66
N LEU A 26 -6.63 -6.77 7.52
CA LEU A 26 -6.52 -5.33 7.34
C LEU A 26 -7.89 -4.66 7.31
N ASN A 27 -8.93 -5.47 7.13
CA ASN A 27 -10.30 -4.97 7.22
C ASN A 27 -10.65 -4.65 8.66
N LYS A 28 -9.95 -5.30 9.60
CA LYS A 28 -10.00 -4.92 10.99
C LYS A 28 -8.98 -3.82 11.23
N GLY A 29 -7.90 -3.93 10.47
CA GLY A 29 -6.84 -2.95 10.50
C GLY A 29 -5.94 -3.11 11.70
N GLY A 30 -5.67 -4.36 12.09
CA GLY A 30 -4.89 -4.57 13.28
C GLY A 30 -3.40 -4.44 13.00
N ASP A 31 -2.88 -5.30 12.15
CA ASP A 31 -1.48 -5.22 11.75
C ASP A 31 -1.34 -5.50 10.27
N PHE A 32 -0.92 -4.50 9.50
CA PHE A 32 -0.63 -4.70 8.09
C PHE A 32 0.79 -5.20 7.90
N ALA A 33 1.70 -4.68 8.73
CA ALA A 33 3.10 -5.05 8.67
C ALA A 33 3.28 -6.55 8.86
N ALA A 34 2.41 -7.13 9.68
CA ALA A 34 2.44 -8.57 9.92
C ALA A 34 2.06 -9.32 8.66
N LEU A 35 1.04 -8.82 7.98
CA LEU A 35 0.56 -9.41 6.73
C LEU A 35 1.68 -9.40 5.71
N ALA A 36 2.38 -8.26 5.65
CA ALA A 36 3.47 -8.05 4.72
C ALA A 36 4.61 -9.04 4.95
N LYS A 37 5.00 -9.18 6.20
CA LYS A 37 6.19 -9.94 6.56
C LYS A 37 5.98 -11.43 6.42
N GLU A 38 4.84 -11.94 6.86
CA GLU A 38 4.68 -13.38 6.96
C GLU A 38 4.37 -14.07 5.63
N LYS A 39 3.29 -13.69 4.95
CA LYS A 39 2.80 -14.49 3.82
C LYS A 39 3.20 -13.91 2.48
N SER A 40 3.42 -12.62 2.49
CA SER A 40 3.64 -11.87 1.26
C SER A 40 5.05 -12.09 0.71
N ALA A 41 5.15 -12.06 -0.63
CA ALA A 41 6.45 -12.13 -1.30
C ALA A 41 7.12 -10.77 -1.28
N ASP A 42 6.44 -9.85 -0.63
CA ASP A 42 6.91 -8.48 -0.41
C ASP A 42 8.22 -8.44 0.39
N ILE A 43 8.57 -9.55 1.04
CA ILE A 43 9.47 -9.57 2.20
C ILE A 43 10.83 -8.94 1.95
N ILE A 44 11.22 -8.75 0.71
CA ILE A 44 12.39 -7.95 0.39
C ILE A 44 12.30 -6.58 1.06
N SER A 45 11.11 -5.99 1.02
CA SER A 45 10.87 -4.69 1.64
C SER A 45 9.97 -4.83 2.86
N ALA A 46 9.29 -5.96 2.98
CA ALA A 46 8.32 -6.22 4.06
C ALA A 46 8.90 -5.95 5.43
N ARG A 47 10.22 -6.10 5.58
CA ARG A 47 10.88 -5.85 6.86
C ARG A 47 10.57 -4.45 7.40
N ASN A 48 10.25 -3.51 6.52
CA ASN A 48 9.90 -2.15 6.96
C ASN A 48 8.39 -2.02 7.21
N GLY A 49 7.71 -3.16 7.23
CA GLY A 49 6.27 -3.18 7.40
C GLY A 49 5.51 -3.13 6.08
N GLY A 50 6.18 -3.57 5.01
CA GLY A 50 5.54 -3.63 3.70
C GLY A 50 5.23 -2.26 3.15
N ASP A 51 6.15 -1.34 3.35
CA ASP A 51 5.92 0.05 2.99
C ASP A 51 6.93 0.52 1.95
N MET A 52 6.41 1.21 0.94
CA MET A 52 7.25 1.79 -0.10
C MET A 52 7.80 3.12 0.36
N GLY A 53 7.16 3.69 1.36
CA GLY A 53 7.61 4.94 1.91
C GLY A 53 6.78 6.11 1.45
N TRP A 54 7.32 7.30 1.61
CA TRP A 54 6.62 8.50 1.21
C TRP A 54 7.02 8.93 -0.17
N LEU A 55 6.08 8.82 -1.09
CA LEU A 55 6.27 9.23 -2.47
C LEU A 55 5.46 10.48 -2.73
N GLU A 56 5.86 11.24 -3.72
CA GLU A 56 5.16 12.46 -4.07
C GLU A 56 3.96 12.10 -4.94
N ASP A 57 2.88 12.84 -4.77
CA ASP A 57 1.70 12.64 -5.58
C ASP A 57 2.01 12.98 -7.03
N ALA A 58 1.53 12.12 -7.92
CA ALA A 58 1.74 12.25 -9.36
C ALA A 58 3.19 11.97 -9.77
N THR A 59 4.02 11.51 -8.84
CA THR A 59 5.33 10.96 -9.19
C THR A 59 5.31 9.46 -8.92
N ILE A 60 4.13 8.98 -8.57
CA ILE A 60 3.90 7.61 -8.17
C ILE A 60 4.05 6.68 -9.37
N PRO A 61 4.67 5.50 -9.17
CA PRO A 61 4.72 4.47 -10.20
C PRO A 61 3.32 4.02 -10.60
N ASP A 62 3.14 3.75 -11.90
CA ASP A 62 1.84 3.51 -12.51
C ASP A 62 1.06 2.40 -11.83
N GLU A 63 1.77 1.44 -11.28
CA GLU A 63 1.15 0.31 -10.61
C GLU A 63 0.39 0.75 -9.36
N LEU A 64 0.92 1.74 -8.66
CA LEU A 64 0.25 2.24 -7.47
C LEU A 64 -0.80 3.27 -7.83
N LYS A 65 -0.64 3.93 -8.97
CA LYS A 65 -1.63 4.90 -9.44
C LYS A 65 -2.88 4.21 -9.98
N ASN A 66 -2.73 2.98 -10.47
CA ASN A 66 -3.89 2.22 -10.94
C ASN A 66 -4.54 1.49 -9.77
N ALA A 67 -3.91 1.58 -8.60
CA ALA A 67 -4.40 0.91 -7.41
C ALA A 67 -5.70 1.54 -6.91
N GLY A 68 -5.88 2.84 -7.19
CA GLY A 68 -7.11 3.51 -6.84
C GLY A 68 -7.11 4.07 -5.42
N LEU A 69 -5.93 4.29 -4.87
CA LEU A 69 -5.79 4.84 -3.53
C LEU A 69 -5.46 6.32 -3.60
N LYS A 70 -6.40 7.19 -3.23
CA LYS A 70 -6.06 8.59 -3.10
C LYS A 70 -5.89 9.01 -1.64
N GLU A 71 -6.95 8.84 -0.84
CA GLU A 71 -6.98 9.41 0.50
C GLU A 71 -6.85 8.35 1.59
N LYS A 72 -6.31 8.77 2.74
CA LYS A 72 -5.86 7.86 3.79
C LYS A 72 -7.01 7.10 4.42
N GLY A 73 -6.79 5.81 4.67
CA GLY A 73 -7.78 4.99 5.32
C GLY A 73 -8.42 4.01 4.36
N GLN A 74 -8.12 4.19 3.08
CA GLN A 74 -8.59 3.28 2.05
C GLN A 74 -7.56 2.18 1.83
N LEU A 75 -7.93 0.95 2.15
CA LEU A 75 -7.05 -0.18 2.04
C LEU A 75 -7.82 -1.41 1.58
N SER A 76 -7.09 -2.47 1.24
CA SER A 76 -7.66 -3.68 0.63
C SER A 76 -7.92 -3.45 -0.85
N GLY A 77 -6.94 -2.86 -1.52
CA GLY A 77 -6.98 -2.74 -2.95
C GLY A 77 -6.26 -3.91 -3.59
N VAL A 78 -7.03 -4.84 -4.13
CA VAL A 78 -6.45 -6.04 -4.72
C VAL A 78 -6.18 -5.81 -6.19
N ILE A 79 -4.91 -5.79 -6.54
CA ILE A 79 -4.50 -5.50 -7.90
C ILE A 79 -4.11 -6.77 -8.63
N LYS A 80 -4.88 -7.10 -9.65
CA LYS A 80 -4.65 -8.30 -10.44
C LYS A 80 -3.42 -8.09 -11.31
N SER A 81 -2.37 -8.85 -11.02
CA SER A 81 -1.11 -8.70 -11.71
C SER A 81 -0.75 -10.00 -12.43
N SER A 82 0.16 -9.88 -13.39
CA SER A 82 0.66 -11.04 -14.12
C SER A 82 1.45 -11.97 -13.20
N VAL A 83 2.01 -11.41 -12.14
CA VAL A 83 2.82 -12.18 -11.20
C VAL A 83 1.99 -12.71 -10.03
N GLY A 84 0.73 -12.30 -9.98
CA GLY A 84 -0.13 -12.67 -8.87
C GLY A 84 -1.07 -11.54 -8.50
N PHE A 85 -1.13 -11.20 -7.23
CA PHE A 85 -1.96 -10.10 -6.79
C PHE A 85 -1.19 -9.20 -5.84
N LEU A 86 -1.31 -7.91 -6.05
CA LEU A 86 -0.66 -6.95 -5.20
C LEU A 86 -1.68 -6.28 -4.31
N ILE A 87 -1.35 -6.14 -3.04
CA ILE A 87 -2.23 -5.49 -2.09
C ILE A 87 -1.71 -4.11 -1.76
N VAL A 88 -2.49 -3.10 -2.08
CA VAL A 88 -2.10 -1.73 -1.83
C VAL A 88 -2.83 -1.19 -0.61
N ARG A 89 -2.10 -0.48 0.23
CA ARG A 89 -2.62 -0.02 1.50
C ARG A 89 -2.18 1.42 1.75
N LEU A 90 -3.15 2.32 1.88
CA LEU A 90 -2.87 3.71 2.20
C LEU A 90 -2.56 3.86 3.67
N ASP A 91 -1.31 4.13 3.97
CA ASP A 91 -0.91 4.30 5.37
C ASP A 91 -1.27 5.68 5.88
N ASP A 92 -0.82 6.73 5.18
CA ASP A 92 -1.06 8.09 5.61
C ASP A 92 -1.01 9.06 4.44
N ILE A 93 -1.42 10.31 4.69
CA ILE A 93 -1.45 11.34 3.66
C ILE A 93 -0.88 12.65 4.19
N GLN A 94 0.07 13.23 3.47
CA GLN A 94 0.57 14.56 3.79
C GLN A 94 0.30 15.50 2.65
N ALA A 95 -0.47 16.54 2.91
CA ALA A 95 -0.74 17.54 1.91
C ALA A 95 0.36 18.59 1.92
N ALA A 96 1.50 18.21 1.35
CA ALA A 96 2.67 19.08 1.30
C ALA A 96 2.36 20.38 0.58
N HIS A 97 2.84 21.48 1.15
CA HIS A 97 2.66 22.82 0.61
C HIS A 97 1.25 23.33 0.84
N HIS A 98 1.15 24.38 1.64
CA HIS A 98 -0.13 25.01 1.97
C HIS A 98 0.04 26.51 2.12
N HIS A 99 1.09 26.91 2.84
CA HIS A 99 1.35 28.32 3.08
C HIS A 99 2.65 28.49 3.84
N HIS A 100 2.63 28.14 5.12
CA HIS A 100 3.81 28.29 5.97
C HIS A 100 4.35 26.93 6.39
N HIS A 101 3.50 25.90 6.31
CA HIS A 101 3.95 24.53 6.57
C HIS A 101 4.93 24.10 5.48
N HIS A 102 4.63 24.51 4.26
CA HIS A 102 5.45 24.24 3.09
C HIS A 102 4.83 24.99 1.94
N THR A 1 8.43 24.77 -6.34
CA THR A 1 7.12 24.31 -5.87
C THR A 1 7.17 22.82 -5.57
N GLN A 2 6.82 22.44 -4.35
CA GLN A 2 6.89 21.05 -3.93
C GLN A 2 5.57 20.33 -4.20
N PRO A 3 5.71 19.12 -4.75
CA PRO A 3 4.58 18.22 -5.02
C PRO A 3 4.13 17.49 -3.77
N GLN A 4 2.85 17.14 -3.72
CA GLN A 4 2.31 16.43 -2.58
C GLN A 4 2.88 15.01 -2.54
N ARG A 5 2.87 14.40 -1.37
CA ARG A 5 3.46 13.09 -1.21
C ARG A 5 2.49 12.17 -0.50
N THR A 6 2.60 10.88 -0.80
CA THR A 6 1.72 9.88 -0.22
C THR A 6 2.51 8.66 0.21
N ARG A 7 2.18 8.14 1.38
CA ARG A 7 2.86 6.96 1.90
C ARG A 7 2.04 5.72 1.59
N TYR A 8 2.56 4.87 0.71
CA TYR A 8 1.86 3.65 0.32
C TYR A 8 2.57 2.42 0.87
N SER A 9 1.80 1.48 1.36
CA SER A 9 2.32 0.18 1.77
C SER A 9 1.80 -0.88 0.81
N ILE A 10 2.67 -1.74 0.33
CA ILE A 10 2.30 -2.75 -0.66
C ILE A 10 2.94 -4.08 -0.33
N ILE A 11 2.21 -5.17 -0.58
CA ILE A 11 2.78 -6.51 -0.42
C ILE A 11 2.30 -7.41 -1.55
N GLN A 12 3.15 -8.35 -1.95
CA GLN A 12 2.82 -9.25 -3.04
C GLN A 12 2.31 -10.59 -2.52
N THR A 13 1.14 -10.98 -2.99
CA THR A 13 0.56 -12.25 -2.61
C THR A 13 0.74 -13.28 -3.73
N LYS A 14 1.03 -14.51 -3.33
CA LYS A 14 1.32 -15.59 -4.26
C LYS A 14 0.11 -15.94 -5.12
N THR A 15 -1.07 -15.79 -4.55
CA THR A 15 -2.30 -16.06 -5.29
C THR A 15 -3.42 -15.17 -4.74
N GLU A 16 -4.57 -15.17 -5.40
CA GLU A 16 -5.70 -14.33 -4.97
C GLU A 16 -6.14 -14.78 -3.58
N ASP A 17 -6.07 -16.08 -3.36
CA ASP A 17 -6.39 -16.68 -2.06
C ASP A 17 -5.59 -16.02 -0.95
N GLU A 18 -4.32 -15.76 -1.23
CA GLU A 18 -3.42 -15.14 -0.27
C GLU A 18 -3.84 -13.71 -0.02
N ALA A 19 -4.21 -13.02 -1.09
CA ALA A 19 -4.69 -11.64 -1.01
C ALA A 19 -5.92 -11.57 -0.11
N LYS A 20 -6.84 -12.51 -0.31
CA LYS A 20 -8.05 -12.62 0.51
C LYS A 20 -7.70 -12.73 1.98
N ALA A 21 -6.77 -13.62 2.30
CA ALA A 21 -6.37 -13.84 3.68
C ALA A 21 -5.75 -12.57 4.28
N VAL A 22 -5.08 -11.81 3.43
CA VAL A 22 -4.47 -10.56 3.85
C VAL A 22 -5.53 -9.49 4.05
N LEU A 23 -6.40 -9.34 3.07
CA LEU A 23 -7.42 -8.30 3.12
C LEU A 23 -8.45 -8.58 4.21
N ASP A 24 -8.69 -9.86 4.49
CA ASP A 24 -9.65 -10.24 5.50
C ASP A 24 -9.18 -9.79 6.87
N GLU A 25 -7.89 -9.93 7.13
CA GLU A 25 -7.33 -9.52 8.41
C GLU A 25 -7.19 -7.99 8.50
N LEU A 26 -6.80 -7.35 7.40
CA LEU A 26 -6.70 -5.90 7.38
C LEU A 26 -8.09 -5.28 7.39
N ASN A 27 -9.09 -6.09 7.11
CA ASN A 27 -10.48 -5.68 7.23
C ASN A 27 -10.80 -5.33 8.68
N LYS A 28 -10.16 -6.04 9.61
CA LYS A 28 -10.25 -5.67 11.03
C LYS A 28 -9.47 -4.39 11.28
N GLY A 29 -8.43 -4.20 10.47
CA GLY A 29 -7.61 -3.02 10.56
C GLY A 29 -6.61 -3.10 11.69
N GLY A 30 -6.17 -4.31 12.03
CA GLY A 30 -5.28 -4.45 13.17
C GLY A 30 -3.83 -4.34 12.81
N ASP A 31 -3.33 -5.25 12.00
CA ASP A 31 -1.94 -5.20 11.58
C ASP A 31 -1.77 -5.55 10.10
N PHE A 32 -1.31 -4.59 9.31
CA PHE A 32 -0.96 -4.84 7.91
C PHE A 32 0.46 -5.37 7.80
N ALA A 33 1.36 -4.79 8.59
CA ALA A 33 2.78 -5.17 8.58
C ALA A 33 2.95 -6.65 8.86
N ALA A 34 2.06 -7.19 9.69
CA ALA A 34 2.09 -8.61 10.01
C ALA A 34 1.76 -9.44 8.78
N LEU A 35 0.74 -8.99 8.06
CA LEU A 35 0.30 -9.66 6.83
C LEU A 35 1.42 -9.62 5.81
N ALA A 36 2.12 -8.51 5.80
CA ALA A 36 3.24 -8.28 4.90
C ALA A 36 4.36 -9.29 5.14
N LYS A 37 4.73 -9.46 6.39
CA LYS A 37 5.87 -10.27 6.75
C LYS A 37 5.55 -11.76 6.73
N GLU A 38 4.33 -12.11 7.09
CA GLU A 38 3.95 -13.51 7.16
C GLU A 38 3.62 -14.11 5.78
N LYS A 39 2.68 -13.50 5.07
CA LYS A 39 2.13 -14.13 3.88
C LYS A 39 2.78 -13.63 2.58
N SER A 40 3.32 -12.47 2.60
CA SER A 40 3.69 -11.82 1.37
C SER A 40 5.13 -12.15 0.94
N ALA A 41 5.34 -12.11 -0.38
CA ALA A 41 6.68 -12.23 -0.95
C ALA A 41 7.41 -10.89 -0.90
N ASP A 42 6.72 -9.90 -0.35
CA ASP A 42 7.27 -8.56 -0.16
C ASP A 42 8.44 -8.54 0.82
N ILE A 43 8.58 -9.64 1.58
CA ILE A 43 9.30 -9.65 2.86
C ILE A 43 10.74 -9.15 2.78
N ILE A 44 11.31 -9.07 1.59
CA ILE A 44 12.57 -8.37 1.41
C ILE A 44 12.47 -6.96 2.01
N SER A 45 11.34 -6.31 1.75
CA SER A 45 11.06 -4.99 2.31
C SER A 45 9.97 -5.07 3.37
N ALA A 46 9.09 -6.08 3.27
CA ALA A 46 7.91 -6.20 4.15
C ALA A 46 8.24 -6.08 5.62
N ARG A 47 9.45 -6.47 6.00
CA ARG A 47 9.91 -6.36 7.39
C ARG A 47 9.74 -4.93 7.93
N ASN A 48 9.72 -3.94 7.02
CA ASN A 48 9.55 -2.55 7.41
C ASN A 48 8.07 -2.18 7.45
N GLY A 49 7.21 -3.18 7.35
CA GLY A 49 5.77 -2.96 7.33
C GLY A 49 5.24 -2.79 5.91
N GLY A 50 5.98 -3.32 4.94
CA GLY A 50 5.60 -3.20 3.54
C GLY A 50 5.55 -1.75 3.10
N ASP A 51 6.37 -0.94 3.73
CA ASP A 51 6.35 0.50 3.52
C ASP A 51 7.28 0.92 2.40
N MET A 52 6.69 1.41 1.32
CA MET A 52 7.46 1.91 0.19
C MET A 52 8.06 3.27 0.52
N GLY A 53 7.49 3.91 1.53
CA GLY A 53 7.99 5.19 1.95
C GLY A 53 7.15 6.31 1.41
N TRP A 54 7.78 7.45 1.17
CA TRP A 54 7.08 8.62 0.68
C TRP A 54 7.45 8.91 -0.75
N LEU A 55 6.49 8.73 -1.63
CA LEU A 55 6.67 9.08 -3.03
C LEU A 55 6.03 10.43 -3.30
N GLU A 56 6.54 11.13 -4.29
CA GLU A 56 5.99 12.41 -4.69
C GLU A 56 4.93 12.16 -5.75
N ASP A 57 3.84 12.88 -5.69
CA ASP A 57 2.77 12.67 -6.65
C ASP A 57 3.23 13.09 -8.04
N ALA A 58 2.68 12.41 -9.03
CA ALA A 58 3.04 12.58 -10.45
C ALA A 58 4.45 12.03 -10.75
N THR A 59 5.06 11.37 -9.77
CA THR A 59 6.26 10.57 -10.03
C THR A 59 5.93 9.10 -9.85
N ILE A 60 4.66 8.83 -9.59
CA ILE A 60 4.21 7.51 -9.18
C ILE A 60 3.91 6.63 -10.38
N PRO A 61 4.35 5.36 -10.33
CA PRO A 61 3.97 4.37 -11.33
C PRO A 61 2.47 4.16 -11.34
N ASP A 62 1.90 4.02 -12.53
CA ASP A 62 0.46 3.98 -12.72
C ASP A 62 -0.19 2.84 -11.96
N GLU A 63 0.59 1.80 -11.66
CA GLU A 63 0.11 0.68 -10.87
C GLU A 63 -0.49 1.15 -9.54
N LEU A 64 0.23 2.02 -8.84
CA LEU A 64 -0.24 2.51 -7.54
C LEU A 64 -1.22 3.67 -7.71
N LYS A 65 -1.16 4.36 -8.84
CA LYS A 65 -2.11 5.44 -9.11
C LYS A 65 -3.51 4.86 -9.34
N ASN A 66 -3.55 3.71 -10.02
CA ASN A 66 -4.82 3.05 -10.33
C ASN A 66 -5.33 2.26 -9.12
N ALA A 67 -4.52 2.21 -8.06
CA ALA A 67 -4.88 1.48 -6.84
C ALA A 67 -6.19 1.98 -6.24
N GLY A 68 -6.53 3.23 -6.54
CA GLY A 68 -7.79 3.79 -6.07
C GLY A 68 -7.72 4.26 -4.64
N LEU A 69 -6.51 4.47 -4.16
CA LEU A 69 -6.31 4.83 -2.76
C LEU A 69 -6.20 6.34 -2.58
N LYS A 70 -7.35 6.96 -2.28
CA LYS A 70 -7.40 8.39 -2.00
C LYS A 70 -7.47 8.69 -0.49
N GLU A 71 -8.35 7.98 0.21
CA GLU A 71 -8.66 8.28 1.61
C GLU A 71 -7.67 7.62 2.56
N LYS A 72 -7.12 8.41 3.48
CA LYS A 72 -6.07 7.94 4.38
C LYS A 72 -6.59 6.87 5.32
N GLY A 73 -6.03 5.67 5.21
CA GLY A 73 -6.47 4.55 6.01
C GLY A 73 -7.35 3.60 5.23
N GLN A 74 -7.59 3.94 3.97
CA GLN A 74 -8.34 3.03 3.10
C GLN A 74 -7.49 1.81 2.83
N LEU A 75 -8.07 0.66 3.09
CA LEU A 75 -7.35 -0.59 2.99
C LEU A 75 -7.95 -1.47 1.91
N SER A 76 -7.20 -2.51 1.54
CA SER A 76 -7.71 -3.59 0.70
C SER A 76 -7.80 -3.15 -0.76
N GLY A 77 -6.66 -2.74 -1.29
CA GLY A 77 -6.56 -2.52 -2.70
C GLY A 77 -5.83 -3.67 -3.36
N VAL A 78 -6.58 -4.53 -4.03
CA VAL A 78 -6.00 -5.72 -4.62
C VAL A 78 -5.75 -5.48 -6.10
N ILE A 79 -4.48 -5.45 -6.47
CA ILE A 79 -4.08 -5.20 -7.84
C ILE A 79 -3.69 -6.51 -8.49
N LYS A 80 -4.42 -6.89 -9.53
CA LYS A 80 -4.18 -8.15 -10.20
C LYS A 80 -3.12 -8.00 -11.29
N SER A 81 -2.12 -8.85 -11.21
CA SER A 81 -1.10 -8.94 -12.22
C SER A 81 -0.95 -10.40 -12.66
N SER A 82 -0.47 -10.61 -13.86
CA SER A 82 -0.32 -11.96 -14.40
C SER A 82 0.62 -12.81 -13.53
N VAL A 83 1.53 -12.15 -12.84
CA VAL A 83 2.52 -12.83 -12.02
C VAL A 83 1.99 -13.08 -10.60
N GLY A 84 0.94 -12.36 -10.22
CA GLY A 84 0.40 -12.49 -8.89
C GLY A 84 -0.41 -11.29 -8.48
N PHE A 85 -0.80 -11.22 -7.23
CA PHE A 85 -1.66 -10.14 -6.75
C PHE A 85 -0.91 -9.23 -5.80
N LEU A 86 -1.15 -7.94 -5.92
CA LEU A 86 -0.49 -6.96 -5.07
C LEU A 86 -1.51 -6.29 -4.15
N ILE A 87 -1.14 -6.15 -2.89
CA ILE A 87 -1.99 -5.48 -1.92
C ILE A 87 -1.45 -4.10 -1.63
N VAL A 88 -2.32 -3.10 -1.70
CA VAL A 88 -1.91 -1.72 -1.49
C VAL A 88 -2.77 -1.08 -0.39
N ARG A 89 -2.14 -0.27 0.45
CA ARG A 89 -2.86 0.44 1.51
C ARG A 89 -2.31 1.85 1.69
N LEU A 90 -3.13 2.69 2.27
CA LEU A 90 -2.79 4.09 2.49
C LEU A 90 -2.35 4.33 3.91
N ASP A 91 -1.07 4.59 4.07
CA ASP A 91 -0.54 4.89 5.40
C ASP A 91 -0.78 6.34 5.80
N ASP A 92 -0.35 7.27 4.94
CA ASP A 92 -0.46 8.69 5.23
C ASP A 92 -0.45 9.49 3.93
N ILE A 93 -1.08 10.67 3.95
CA ILE A 93 -1.07 11.58 2.80
C ILE A 93 -0.75 12.99 3.26
N GLN A 94 0.24 13.63 2.64
CA GLN A 94 0.61 14.98 3.02
C GLN A 94 0.73 15.88 1.80
N ALA A 95 0.07 17.02 1.85
CA ALA A 95 0.14 18.00 0.78
C ALA A 95 1.37 18.91 0.97
N ALA A 96 2.50 18.28 1.27
CA ALA A 96 3.77 18.97 1.48
C ALA A 96 3.71 19.91 2.67
N HIS A 97 4.64 20.85 2.74
CA HIS A 97 4.69 21.78 3.85
C HIS A 97 3.96 23.07 3.46
N HIS A 98 4.72 24.10 3.07
CA HIS A 98 4.19 25.40 2.64
C HIS A 98 3.43 26.10 3.78
N HIS A 99 2.25 25.59 4.10
CA HIS A 99 1.43 26.14 5.18
C HIS A 99 0.51 25.06 5.74
N HIS A 100 0.38 23.97 5.00
CA HIS A 100 -0.51 22.87 5.39
C HIS A 100 0.14 22.04 6.48
N HIS A 101 -0.67 21.47 7.35
CA HIS A 101 -0.17 20.64 8.42
C HIS A 101 0.26 19.29 7.89
N HIS A 102 1.55 19.17 7.64
CA HIS A 102 2.14 17.94 7.16
C HIS A 102 2.23 16.92 8.30
N THR A 1 6.33 23.20 -8.46
CA THR A 1 5.12 23.18 -7.61
C THR A 1 5.16 21.97 -6.69
N GLN A 2 4.71 22.13 -5.45
CA GLN A 2 4.73 21.04 -4.49
C GLN A 2 3.72 19.98 -4.84
N PRO A 3 4.19 18.74 -4.97
CA PRO A 3 3.37 17.58 -5.20
C PRO A 3 3.00 16.92 -3.87
N GLN A 4 1.84 16.28 -3.81
CA GLN A 4 1.47 15.59 -2.60
C GLN A 4 2.33 14.36 -2.46
N ARG A 5 2.60 13.98 -1.24
CA ARG A 5 3.34 12.78 -0.98
C ARG A 5 2.54 11.84 -0.12
N THR A 6 2.45 10.61 -0.56
CA THR A 6 1.62 9.62 0.08
C THR A 6 2.47 8.45 0.55
N ARG A 7 2.16 7.90 1.71
CA ARG A 7 2.89 6.74 2.18
C ARG A 7 2.12 5.49 1.80
N TYR A 8 2.69 4.73 0.89
CA TYR A 8 2.05 3.52 0.41
C TYR A 8 2.74 2.29 0.95
N SER A 9 1.94 1.35 1.39
CA SER A 9 2.44 0.04 1.72
C SER A 9 1.87 -0.96 0.74
N ILE A 10 2.72 -1.84 0.25
CA ILE A 10 2.31 -2.81 -0.76
C ILE A 10 2.95 -4.15 -0.46
N ILE A 11 2.22 -5.22 -0.69
CA ILE A 11 2.76 -6.54 -0.48
C ILE A 11 2.35 -7.45 -1.62
N GLN A 12 3.24 -8.33 -2.04
CA GLN A 12 2.94 -9.22 -3.15
C GLN A 12 2.48 -10.55 -2.60
N THR A 13 1.25 -10.92 -2.91
CA THR A 13 0.68 -12.13 -2.37
C THR A 13 0.85 -13.29 -3.32
N LYS A 14 0.99 -14.48 -2.74
CA LYS A 14 1.35 -15.67 -3.49
C LYS A 14 0.26 -16.05 -4.49
N THR A 15 -0.99 -15.80 -4.12
CA THR A 15 -2.13 -16.09 -4.97
C THR A 15 -3.31 -15.20 -4.53
N GLU A 16 -4.40 -15.17 -5.30
CA GLU A 16 -5.55 -14.34 -4.95
C GLU A 16 -6.07 -14.70 -3.57
N ASP A 17 -6.00 -15.99 -3.25
CA ASP A 17 -6.38 -16.50 -1.93
C ASP A 17 -5.64 -15.75 -0.84
N GLU A 18 -4.35 -15.53 -1.07
CA GLU A 18 -3.49 -14.83 -0.14
C GLU A 18 -3.95 -13.38 0.01
N ALA A 19 -4.30 -12.77 -1.12
CA ALA A 19 -4.76 -11.39 -1.13
C ALA A 19 -6.05 -11.23 -0.34
N LYS A 20 -6.99 -12.14 -0.55
CA LYS A 20 -8.26 -12.12 0.16
C LYS A 20 -8.04 -12.27 1.67
N ALA A 21 -7.10 -13.12 2.05
CA ALA A 21 -6.76 -13.31 3.46
C ALA A 21 -6.16 -12.04 4.04
N VAL A 22 -5.46 -11.28 3.21
CA VAL A 22 -4.85 -10.04 3.63
C VAL A 22 -5.91 -8.99 3.84
N LEU A 23 -6.76 -8.82 2.83
CA LEU A 23 -7.78 -7.79 2.88
C LEU A 23 -8.80 -8.07 3.97
N ASP A 24 -8.98 -9.32 4.31
CA ASP A 24 -9.86 -9.70 5.41
C ASP A 24 -9.33 -9.15 6.73
N GLU A 25 -8.06 -9.48 7.00
CA GLU A 25 -7.44 -9.11 8.27
C GLU A 25 -7.30 -7.60 8.38
N LEU A 26 -6.90 -6.96 7.29
CA LEU A 26 -6.71 -5.51 7.29
C LEU A 26 -8.04 -4.77 7.34
N ASN A 27 -9.12 -5.50 7.02
CA ASN A 27 -10.46 -4.94 7.11
C ASN A 27 -10.85 -4.79 8.58
N LYS A 28 -10.31 -5.67 9.42
CA LYS A 28 -10.42 -5.50 10.86
C LYS A 28 -9.43 -4.43 11.30
N GLY A 29 -8.31 -4.38 10.57
CA GLY A 29 -7.38 -3.29 10.69
C GLY A 29 -6.45 -3.40 11.88
N GLY A 30 -6.03 -4.62 12.21
CA GLY A 30 -5.18 -4.77 13.37
C GLY A 30 -3.72 -4.55 13.03
N ASP A 31 -3.17 -5.40 12.20
CA ASP A 31 -1.81 -5.21 11.70
C ASP A 31 -1.72 -5.57 10.22
N PHE A 32 -1.32 -4.62 9.40
CA PHE A 32 -1.08 -4.88 7.99
C PHE A 32 0.33 -5.42 7.79
N ALA A 33 1.24 -4.97 8.64
CA ALA A 33 2.64 -5.38 8.57
C ALA A 33 2.76 -6.90 8.68
N ALA A 34 1.92 -7.49 9.50
CA ALA A 34 1.94 -8.93 9.75
C ALA A 34 1.53 -9.69 8.50
N LEU A 35 0.58 -9.11 7.78
CA LEU A 35 0.04 -9.71 6.57
C LEU A 35 1.10 -9.68 5.48
N ALA A 36 1.91 -8.63 5.52
CA ALA A 36 2.97 -8.42 4.57
C ALA A 36 4.12 -9.41 4.78
N LYS A 37 4.50 -9.56 6.04
CA LYS A 37 5.73 -10.27 6.37
C LYS A 37 5.57 -11.80 6.30
N GLU A 38 4.38 -12.32 6.53
CA GLU A 38 4.26 -13.76 6.69
C GLU A 38 4.27 -14.55 5.37
N LYS A 39 3.30 -14.33 4.49
CA LYS A 39 3.30 -15.08 3.22
C LYS A 39 3.75 -14.25 2.03
N SER A 40 3.65 -12.93 2.14
CA SER A 40 3.81 -12.07 0.97
C SER A 40 5.28 -11.96 0.56
N ALA A 41 5.51 -11.89 -0.75
CA ALA A 41 6.85 -11.83 -1.33
C ALA A 41 7.43 -10.42 -1.18
N ASP A 42 6.69 -9.60 -0.47
CA ASP A 42 7.07 -8.23 -0.12
C ASP A 42 8.30 -8.20 0.79
N ILE A 43 8.65 -9.34 1.38
CA ILE A 43 9.50 -9.39 2.58
C ILE A 43 10.86 -8.70 2.42
N ILE A 44 11.27 -8.41 1.19
CA ILE A 44 12.41 -7.52 0.97
C ILE A 44 12.14 -6.15 1.62
N SER A 45 10.93 -5.65 1.42
CA SER A 45 10.52 -4.36 1.97
C SER A 45 9.49 -4.51 3.09
N ALA A 46 8.92 -5.72 3.22
CA ALA A 46 7.94 -6.03 4.27
C ALA A 46 8.48 -5.70 5.65
N ARG A 47 9.80 -5.77 5.79
CA ARG A 47 10.48 -5.44 7.05
C ARG A 47 10.12 -4.02 7.52
N ASN A 48 9.62 -3.20 6.60
CA ASN A 48 9.19 -1.83 6.94
C ASN A 48 7.70 -1.82 7.34
N GLY A 49 7.08 -3.00 7.32
CA GLY A 49 5.65 -3.07 7.55
C GLY A 49 4.89 -2.99 6.24
N GLY A 50 5.53 -3.44 5.17
CA GLY A 50 4.95 -3.34 3.84
C GLY A 50 5.16 -1.96 3.26
N ASP A 51 5.76 -1.09 4.06
CA ASP A 51 5.95 0.30 3.69
C ASP A 51 7.04 0.47 2.65
N MET A 52 6.67 1.07 1.52
CA MET A 52 7.64 1.43 0.50
C MET A 52 8.35 2.70 0.92
N GLY A 53 7.61 3.56 1.59
CA GLY A 53 8.12 4.86 1.96
C GLY A 53 7.27 5.96 1.37
N TRP A 54 7.74 7.19 1.50
CA TRP A 54 7.03 8.32 0.95
C TRP A 54 7.49 8.60 -0.47
N LEU A 55 6.56 8.55 -1.39
CA LEU A 55 6.83 8.91 -2.76
C LEU A 55 6.01 10.14 -3.13
N GLU A 56 6.47 10.89 -4.10
CA GLU A 56 5.75 12.06 -4.55
C GLU A 56 4.77 11.67 -5.63
N ASP A 57 3.59 12.26 -5.57
CA ASP A 57 2.60 12.08 -6.62
C ASP A 57 3.20 12.50 -7.95
N ALA A 58 2.72 11.88 -9.01
CA ALA A 58 3.26 12.00 -10.36
C ALA A 58 4.60 11.26 -10.49
N THR A 59 4.95 10.53 -9.43
CA THR A 59 5.97 9.50 -9.50
C THR A 59 5.28 8.14 -9.32
N ILE A 60 3.97 8.20 -9.14
CA ILE A 60 3.15 7.02 -8.87
C ILE A 60 2.68 6.39 -10.18
N PRO A 61 3.14 5.16 -10.45
CA PRO A 61 2.76 4.41 -11.67
C PRO A 61 1.28 4.05 -11.66
N ASP A 62 0.75 3.80 -12.86
CA ASP A 62 -0.67 3.47 -13.03
C ASP A 62 -1.07 2.26 -12.22
N GLU A 63 -0.08 1.44 -11.84
CA GLU A 63 -0.33 0.29 -10.98
C GLU A 63 -0.97 0.75 -9.66
N LEU A 64 -0.33 1.72 -8.99
CA LEU A 64 -0.85 2.22 -7.72
C LEU A 64 -1.93 3.26 -7.96
N LYS A 65 -2.03 3.76 -9.19
CA LYS A 65 -3.13 4.64 -9.56
C LYS A 65 -4.42 3.83 -9.68
N ASN A 66 -4.28 2.60 -10.15
CA ASN A 66 -5.39 1.66 -10.22
C ASN A 66 -5.73 1.12 -8.84
N ALA A 67 -4.92 1.48 -7.85
CA ALA A 67 -5.19 1.13 -6.47
C ALA A 67 -6.32 1.99 -5.92
N GLY A 68 -6.38 3.23 -6.41
CA GLY A 68 -7.46 4.14 -6.04
C GLY A 68 -7.31 4.68 -4.64
N LEU A 69 -6.10 4.65 -4.11
CA LEU A 69 -5.86 5.11 -2.75
C LEU A 69 -5.61 6.61 -2.70
N LYS A 70 -6.67 7.36 -2.45
CA LYS A 70 -6.59 8.80 -2.37
C LYS A 70 -6.53 9.29 -0.92
N GLU A 71 -7.50 8.88 -0.13
CA GLU A 71 -7.64 9.40 1.23
C GLU A 71 -7.24 8.36 2.27
N LYS A 72 -6.60 8.84 3.33
CA LYS A 72 -5.92 7.99 4.30
C LYS A 72 -6.91 7.13 5.08
N GLY A 73 -6.55 5.86 5.25
CA GLY A 73 -7.42 4.94 5.95
C GLY A 73 -8.05 3.95 5.00
N GLN A 74 -7.82 4.16 3.71
CA GLN A 74 -8.30 3.23 2.70
C GLN A 74 -7.25 2.18 2.40
N LEU A 75 -7.59 0.95 2.70
CA LEU A 75 -6.73 -0.18 2.44
C LEU A 75 -7.59 -1.32 1.94
N SER A 76 -6.96 -2.38 1.45
CA SER A 76 -7.63 -3.45 0.69
C SER A 76 -7.88 -2.99 -0.74
N GLY A 77 -6.78 -2.70 -1.41
CA GLY A 77 -6.80 -2.49 -2.83
C GLY A 77 -6.05 -3.60 -3.52
N VAL A 78 -6.79 -4.47 -4.20
CA VAL A 78 -6.21 -5.66 -4.80
C VAL A 78 -5.79 -5.38 -6.23
N ILE A 79 -4.50 -5.41 -6.47
CA ILE A 79 -3.95 -5.16 -7.78
C ILE A 79 -3.47 -6.46 -8.39
N LYS A 80 -4.00 -6.81 -9.55
CA LYS A 80 -3.61 -8.05 -10.21
C LYS A 80 -2.36 -7.83 -11.06
N SER A 81 -1.39 -8.68 -10.86
CA SER A 81 -0.17 -8.67 -11.67
C SER A 81 -0.07 -10.02 -12.37
N SER A 82 0.73 -10.09 -13.42
CA SER A 82 0.94 -11.35 -14.12
C SER A 82 1.75 -12.30 -13.22
N VAL A 83 2.58 -11.71 -12.36
CA VAL A 83 3.46 -12.46 -11.48
C VAL A 83 2.72 -12.89 -10.19
N GLY A 84 1.55 -12.32 -9.95
CA GLY A 84 0.81 -12.61 -8.74
C GLY A 84 -0.17 -11.51 -8.40
N PHE A 85 -0.28 -11.18 -7.12
CA PHE A 85 -1.19 -10.12 -6.70
C PHE A 85 -0.49 -9.14 -5.78
N LEU A 86 -0.92 -7.89 -5.82
CA LEU A 86 -0.35 -6.86 -5.01
C LEU A 86 -1.42 -6.23 -4.12
N ILE A 87 -1.10 -6.03 -2.86
CA ILE A 87 -2.01 -5.40 -1.92
C ILE A 87 -1.51 -4.03 -1.56
N VAL A 88 -2.35 -3.02 -1.72
CA VAL A 88 -1.96 -1.66 -1.45
C VAL A 88 -2.65 -1.14 -0.18
N ARG A 89 -1.91 -0.36 0.61
CA ARG A 89 -2.40 0.12 1.89
C ARG A 89 -1.96 1.57 2.12
N LEU A 90 -2.93 2.46 2.34
CA LEU A 90 -2.63 3.86 2.64
C LEU A 90 -2.21 4.01 4.09
N ASP A 91 -0.94 4.29 4.30
CA ASP A 91 -0.48 4.54 5.67
C ASP A 91 -0.79 5.97 6.11
N ASP A 92 -0.34 6.94 5.31
CA ASP A 92 -0.52 8.35 5.65
C ASP A 92 -0.46 9.22 4.40
N ILE A 93 -0.79 10.50 4.54
CA ILE A 93 -0.70 11.46 3.45
C ILE A 93 -0.12 12.77 3.93
N GLN A 94 0.79 13.33 3.14
CA GLN A 94 1.41 14.59 3.43
C GLN A 94 1.27 15.55 2.27
N ALA A 95 0.75 16.74 2.56
CA ALA A 95 0.60 17.83 1.58
C ALA A 95 -0.49 17.51 0.56
N ALA A 96 -1.37 16.59 0.93
CA ALA A 96 -2.41 16.15 0.03
C ALA A 96 -3.79 16.60 0.49
N HIS A 97 -4.41 17.46 -0.32
CA HIS A 97 -5.84 17.78 -0.21
C HIS A 97 -6.16 18.73 0.96
N HIS A 98 -5.58 18.47 2.13
CA HIS A 98 -5.99 19.15 3.36
C HIS A 98 -5.85 20.67 3.28
N HIS A 99 -4.65 21.15 2.98
CA HIS A 99 -4.41 22.60 2.92
C HIS A 99 -4.47 23.12 1.50
N HIS A 100 -4.71 22.22 0.55
CA HIS A 100 -4.87 22.57 -0.85
C HIS A 100 -5.51 21.42 -1.60
N HIS A 101 -6.65 21.69 -2.22
CA HIS A 101 -7.42 20.65 -2.88
C HIS A 101 -6.59 19.98 -3.98
N HIS A 102 -6.47 18.68 -3.88
CA HIS A 102 -5.73 17.88 -4.83
C HIS A 102 -6.64 16.84 -5.43
N THR A 1 4.85 25.06 -7.68
CA THR A 1 4.15 23.80 -8.02
C THR A 1 4.98 22.60 -7.57
N GLN A 2 4.58 21.99 -6.47
CA GLN A 2 5.27 20.83 -5.94
C GLN A 2 4.34 19.63 -5.94
N PRO A 3 4.90 18.44 -6.16
CA PRO A 3 4.15 17.20 -6.10
C PRO A 3 4.10 16.68 -4.67
N GLN A 4 2.91 16.42 -4.17
CA GLN A 4 2.75 15.88 -2.83
C GLN A 4 3.25 14.45 -2.82
N ARG A 5 3.66 13.98 -1.67
CA ARG A 5 4.25 12.65 -1.58
C ARG A 5 3.35 11.74 -0.77
N THR A 6 3.21 10.51 -1.24
CA THR A 6 2.36 9.54 -0.58
C THR A 6 3.17 8.33 -0.16
N ARG A 7 2.91 7.84 1.04
CA ARG A 7 3.60 6.68 1.55
C ARG A 7 2.72 5.45 1.44
N TYR A 8 3.12 4.54 0.56
CA TYR A 8 2.34 3.35 0.32
C TYR A 8 2.99 2.12 0.93
N SER A 9 2.18 1.33 1.62
CA SER A 9 2.58 0.02 2.05
C SER A 9 2.03 -0.98 1.05
N ILE A 10 2.85 -1.90 0.60
CA ILE A 10 2.42 -2.85 -0.41
C ILE A 10 3.03 -4.21 -0.10
N ILE A 11 2.33 -5.28 -0.42
CA ILE A 11 2.88 -6.60 -0.20
C ILE A 11 2.55 -7.49 -1.39
N GLN A 12 3.48 -8.35 -1.76
CA GLN A 12 3.29 -9.20 -2.92
C GLN A 12 2.82 -10.57 -2.49
N THR A 13 1.61 -10.90 -2.89
CA THR A 13 0.99 -12.15 -2.53
C THR A 13 1.14 -13.18 -3.65
N LYS A 14 1.23 -14.44 -3.27
CA LYS A 14 1.49 -15.52 -4.20
C LYS A 14 0.30 -15.76 -5.11
N THR A 15 -0.91 -15.57 -4.61
CA THR A 15 -2.11 -15.79 -5.41
C THR A 15 -3.27 -14.93 -4.94
N GLU A 16 -4.37 -15.00 -5.68
CA GLU A 16 -5.59 -14.30 -5.32
C GLU A 16 -6.13 -14.89 -4.03
N ASP A 17 -5.80 -16.15 -3.81
CA ASP A 17 -6.19 -16.87 -2.59
C ASP A 17 -5.62 -16.14 -1.38
N GLU A 18 -4.34 -15.77 -1.51
CA GLU A 18 -3.67 -14.99 -0.49
C GLU A 18 -4.28 -13.62 -0.37
N ALA A 19 -4.53 -12.98 -1.50
CA ALA A 19 -5.05 -11.62 -1.52
C ALA A 19 -6.36 -11.52 -0.73
N LYS A 20 -7.30 -12.44 -0.98
CA LYS A 20 -8.57 -12.45 -0.27
C LYS A 20 -8.38 -12.74 1.22
N ALA A 21 -7.38 -13.54 1.56
CA ALA A 21 -7.10 -13.83 2.96
C ALA A 21 -6.50 -12.61 3.64
N VAL A 22 -5.60 -11.94 2.92
CA VAL A 22 -4.91 -10.77 3.45
C VAL A 22 -5.86 -9.59 3.55
N LEU A 23 -6.60 -9.33 2.47
CA LEU A 23 -7.50 -8.18 2.43
C LEU A 23 -8.59 -8.31 3.48
N ASP A 24 -8.95 -9.54 3.81
CA ASP A 24 -9.99 -9.78 4.80
C ASP A 24 -9.54 -9.29 6.17
N GLU A 25 -8.33 -9.69 6.54
CA GLU A 25 -7.76 -9.34 7.84
C GLU A 25 -7.51 -7.83 7.92
N LEU A 26 -6.95 -7.26 6.85
CA LEU A 26 -6.65 -5.84 6.83
C LEU A 26 -7.92 -5.00 6.69
N ASN A 27 -9.01 -5.64 6.23
CA ASN A 27 -10.29 -4.96 6.13
C ASN A 27 -10.93 -4.79 7.50
N LYS A 28 -10.53 -5.67 8.42
CA LYS A 28 -10.91 -5.51 9.81
C LYS A 28 -10.11 -4.36 10.40
N GLY A 29 -8.97 -4.10 9.78
CA GLY A 29 -8.14 -2.97 10.15
C GLY A 29 -7.27 -3.27 11.34
N GLY A 30 -6.96 -4.54 11.55
CA GLY A 30 -6.19 -4.88 12.72
C GLY A 30 -4.70 -4.86 12.48
N ASP A 31 -4.21 -5.72 11.61
CA ASP A 31 -2.80 -5.73 11.27
C ASP A 31 -2.58 -5.96 9.78
N PHE A 32 -2.04 -4.97 9.09
CA PHE A 32 -1.58 -5.15 7.71
C PHE A 32 -0.16 -5.66 7.69
N ALA A 33 0.65 -5.11 8.58
CA ALA A 33 2.06 -5.42 8.65
C ALA A 33 2.27 -6.91 8.90
N ALA A 34 1.39 -7.51 9.69
CA ALA A 34 1.49 -8.93 9.99
C ALA A 34 1.26 -9.76 8.75
N LEU A 35 0.33 -9.30 7.92
CA LEU A 35 0.02 -9.94 6.66
C LEU A 35 1.22 -9.85 5.73
N ALA A 36 1.91 -8.72 5.83
CA ALA A 36 3.08 -8.44 5.03
C ALA A 36 4.24 -9.37 5.41
N LYS A 37 4.39 -9.59 6.70
CA LYS A 37 5.53 -10.33 7.22
C LYS A 37 5.48 -11.81 6.87
N GLU A 38 4.33 -12.44 7.06
CA GLU A 38 4.30 -13.90 7.03
C GLU A 38 4.30 -14.53 5.63
N LYS A 39 3.31 -14.24 4.80
CA LYS A 39 3.24 -14.92 3.49
C LYS A 39 3.78 -14.08 2.35
N SER A 40 3.81 -12.77 2.53
CA SER A 40 4.14 -11.87 1.45
C SER A 40 5.60 -12.00 1.03
N ALA A 41 5.87 -11.81 -0.26
CA ALA A 41 7.23 -11.80 -0.79
C ALA A 41 7.85 -10.41 -0.60
N ASP A 42 7.05 -9.54 0.00
CA ASP A 42 7.42 -8.16 0.30
C ASP A 42 8.53 -8.07 1.35
N ILE A 43 8.76 -9.16 2.07
CA ILE A 43 9.29 -9.14 3.45
C ILE A 43 10.59 -8.36 3.66
N ILE A 44 11.32 -8.07 2.59
CA ILE A 44 12.45 -7.15 2.70
C ILE A 44 11.94 -5.76 3.11
N SER A 45 10.80 -5.36 2.56
CA SER A 45 10.15 -4.11 2.90
C SER A 45 9.15 -4.30 4.03
N ALA A 46 8.56 -5.50 4.06
CA ALA A 46 7.51 -5.86 5.03
C ALA A 46 7.93 -5.57 6.46
N ARG A 47 9.21 -5.65 6.74
CA ARG A 47 9.74 -5.35 8.06
C ARG A 47 9.28 -3.97 8.53
N ASN A 48 9.09 -3.06 7.57
CA ASN A 48 8.64 -1.71 7.87
C ASN A 48 7.12 -1.61 7.83
N GLY A 49 6.45 -2.75 7.74
CA GLY A 49 5.00 -2.76 7.63
C GLY A 49 4.56 -2.72 6.18
N GLY A 50 5.43 -3.19 5.29
CA GLY A 50 5.15 -3.14 3.87
C GLY A 50 5.51 -1.80 3.28
N ASP A 51 6.17 -0.97 4.09
CA ASP A 51 6.55 0.37 3.68
C ASP A 51 7.70 0.34 2.69
N MET A 52 7.39 0.68 1.45
CA MET A 52 8.39 0.78 0.39
C MET A 52 9.09 2.14 0.45
N GLY A 53 8.41 3.11 1.01
CA GLY A 53 8.93 4.46 1.04
C GLY A 53 7.91 5.47 0.56
N TRP A 54 8.39 6.62 0.15
CA TRP A 54 7.52 7.70 -0.30
C TRP A 54 7.62 7.88 -1.81
N LEU A 55 6.48 8.09 -2.45
CA LEU A 55 6.43 8.36 -3.87
C LEU A 55 5.67 9.66 -4.14
N GLU A 56 5.94 10.28 -5.27
CA GLU A 56 5.29 11.53 -5.63
C GLU A 56 3.92 11.26 -6.25
N ASP A 57 2.92 11.95 -5.76
CA ASP A 57 1.57 11.79 -6.29
C ASP A 57 1.48 12.39 -7.68
N ALA A 58 0.64 11.79 -8.50
CA ALA A 58 0.45 12.15 -9.91
C ALA A 58 1.66 11.75 -10.75
N THR A 59 2.60 11.03 -10.16
CA THR A 59 3.63 10.35 -10.94
C THR A 59 3.41 8.85 -10.84
N ILE A 60 2.35 8.50 -10.14
CA ILE A 60 2.04 7.12 -9.80
C ILE A 60 1.62 6.33 -11.04
N PRO A 61 2.26 5.17 -11.27
CA PRO A 61 1.88 4.26 -12.35
C PRO A 61 0.49 3.67 -12.12
N ASP A 62 -0.13 3.23 -13.22
CA ASP A 62 -1.52 2.76 -13.23
C ASP A 62 -1.77 1.63 -12.25
N GLU A 63 -0.71 0.93 -11.86
CA GLU A 63 -0.81 -0.14 -10.88
C GLU A 63 -1.43 0.37 -9.58
N LEU A 64 -0.83 1.39 -8.98
CA LEU A 64 -1.34 1.93 -7.73
C LEU A 64 -2.48 2.93 -7.97
N LYS A 65 -2.59 3.41 -9.20
CA LYS A 65 -3.70 4.29 -9.57
C LYS A 65 -5.02 3.58 -9.37
N ASN A 66 -5.02 2.28 -9.64
CA ASN A 66 -6.22 1.46 -9.52
C ASN A 66 -6.53 1.11 -8.07
N ALA A 67 -5.63 1.48 -7.16
CA ALA A 67 -5.85 1.24 -5.74
C ALA A 67 -6.81 2.28 -5.17
N GLY A 68 -6.73 3.49 -5.73
CA GLY A 68 -7.63 4.57 -5.36
C GLY A 68 -7.38 5.08 -3.95
N LEU A 69 -6.19 4.86 -3.44
CA LEU A 69 -5.88 5.21 -2.06
C LEU A 69 -5.40 6.65 -1.93
N LYS A 70 -6.35 7.57 -1.75
CA LYS A 70 -5.99 8.98 -1.58
C LYS A 70 -6.02 9.40 -0.11
N GLU A 71 -7.01 8.92 0.64
CA GLU A 71 -7.22 9.34 2.02
C GLU A 71 -6.56 8.38 3.00
N LYS A 72 -5.74 8.92 3.91
CA LYS A 72 -4.93 8.08 4.79
C LYS A 72 -5.81 7.29 5.75
N GLY A 73 -5.49 6.02 5.89
CA GLY A 73 -6.28 5.15 6.74
C GLY A 73 -7.11 4.18 5.92
N GLN A 74 -7.02 4.31 4.61
CA GLN A 74 -7.74 3.44 3.70
C GLN A 74 -6.88 2.23 3.32
N LEU A 75 -7.47 1.06 3.44
CA LEU A 75 -6.79 -0.20 3.15
C LEU A 75 -7.49 -0.94 2.02
N SER A 76 -6.84 -2.00 1.53
CA SER A 76 -7.45 -2.95 0.61
C SER A 76 -7.48 -2.43 -0.82
N GLY A 77 -6.31 -2.17 -1.37
CA GLY A 77 -6.19 -2.01 -2.80
C GLY A 77 -5.45 -3.20 -3.39
N VAL A 78 -6.18 -4.11 -4.00
CA VAL A 78 -5.58 -5.32 -4.56
C VAL A 78 -5.38 -5.17 -6.05
N ILE A 79 -4.14 -5.13 -6.46
CA ILE A 79 -3.81 -4.94 -7.86
C ILE A 79 -3.26 -6.22 -8.46
N LYS A 80 -3.85 -6.65 -9.56
CA LYS A 80 -3.38 -7.82 -10.26
C LYS A 80 -2.14 -7.49 -11.07
N SER A 81 -1.09 -8.24 -10.83
CA SER A 81 0.16 -8.07 -11.55
C SER A 81 0.49 -9.36 -12.29
N SER A 82 1.41 -9.30 -13.24
CA SER A 82 1.82 -10.50 -13.97
C SER A 82 2.60 -11.43 -13.04
N VAL A 83 3.23 -10.84 -12.03
CA VAL A 83 4.05 -11.60 -11.09
C VAL A 83 3.19 -12.22 -9.98
N GLY A 84 1.94 -11.77 -9.89
CA GLY A 84 1.06 -12.25 -8.85
C GLY A 84 0.03 -11.20 -8.46
N PHE A 85 -0.14 -10.97 -7.18
CA PHE A 85 -1.08 -9.97 -6.70
C PHE A 85 -0.42 -9.06 -5.68
N LEU A 86 -0.70 -7.78 -5.77
CA LEU A 86 -0.12 -6.80 -4.88
C LEU A 86 -1.22 -6.08 -4.12
N ILE A 87 -1.01 -5.90 -2.82
CA ILE A 87 -1.99 -5.25 -1.98
C ILE A 87 -1.40 -4.00 -1.36
N VAL A 88 -2.06 -2.86 -1.55
CA VAL A 88 -1.51 -1.61 -1.10
C VAL A 88 -2.34 -1.02 0.03
N ARG A 89 -1.64 -0.34 0.94
CA ARG A 89 -2.23 0.29 2.10
C ARG A 89 -1.66 1.69 2.26
N LEU A 90 -2.47 2.61 2.74
CA LEU A 90 -2.02 3.98 2.93
C LEU A 90 -1.37 4.16 4.29
N ASP A 91 -0.07 4.31 4.27
CA ASP A 91 0.68 4.51 5.51
C ASP A 91 0.61 5.97 5.96
N ASP A 92 0.97 6.89 5.05
CA ASP A 92 1.01 8.33 5.35
C ASP A 92 0.83 9.16 4.07
N ILE A 93 0.45 10.42 4.23
CA ILE A 93 0.39 11.37 3.12
C ILE A 93 0.99 12.71 3.57
N GLN A 94 1.95 13.23 2.80
CA GLN A 94 2.55 14.53 3.10
C GLN A 94 2.51 15.42 1.87
N ALA A 95 1.86 16.56 1.99
CA ALA A 95 1.73 17.51 0.90
C ALA A 95 2.91 18.47 0.85
N ALA A 96 4.12 17.89 0.86
CA ALA A 96 5.37 18.65 0.85
C ALA A 96 5.43 19.63 2.01
N HIS A 97 5.87 19.12 3.17
CA HIS A 97 5.88 19.87 4.42
C HIS A 97 4.46 20.10 4.90
N HIS A 98 4.22 21.29 5.48
CA HIS A 98 2.90 21.70 5.99
C HIS A 98 2.58 20.97 7.31
N HIS A 99 2.78 19.67 7.33
CA HIS A 99 2.72 18.91 8.57
C HIS A 99 4.15 18.72 9.06
N HIS A 100 4.38 19.00 10.35
CA HIS A 100 5.74 19.03 10.87
C HIS A 100 6.30 17.62 11.08
N HIS A 101 6.59 16.95 9.98
CA HIS A 101 7.28 15.67 10.01
C HIS A 101 7.89 15.40 8.63
N HIS A 102 8.13 16.48 7.90
CA HIS A 102 8.67 16.38 6.55
C HIS A 102 9.19 17.73 6.11
N THR A 1 2.14 22.17 -10.09
CA THR A 1 3.56 21.75 -10.19
C THR A 1 4.00 21.05 -8.92
N GLN A 2 3.30 21.30 -7.82
CA GLN A 2 3.65 20.71 -6.55
C GLN A 2 3.29 19.23 -6.51
N PRO A 3 4.28 18.40 -6.22
CA PRO A 3 4.13 16.98 -6.10
C PRO A 3 3.82 16.56 -4.66
N GLN A 4 2.59 16.12 -4.41
CA GLN A 4 2.24 15.63 -3.09
C GLN A 4 2.93 14.29 -2.87
N ARG A 5 3.11 13.92 -1.63
CA ARG A 5 3.77 12.66 -1.34
C ARG A 5 2.87 11.76 -0.53
N THR A 6 2.82 10.50 -0.93
CA THR A 6 1.96 9.53 -0.29
C THR A 6 2.76 8.29 0.09
N ARG A 7 2.56 7.82 1.31
CA ARG A 7 3.26 6.64 1.79
C ARG A 7 2.37 5.42 1.58
N TYR A 8 2.78 4.56 0.67
CA TYR A 8 2.00 3.38 0.37
C TYR A 8 2.62 2.13 0.98
N SER A 9 1.79 1.32 1.57
CA SER A 9 2.19 0.00 1.97
C SER A 9 1.77 -0.97 0.89
N ILE A 10 2.68 -1.84 0.48
CA ILE A 10 2.39 -2.78 -0.59
C ILE A 10 3.05 -4.11 -0.28
N ILE A 11 2.37 -5.20 -0.60
CA ILE A 11 2.94 -6.51 -0.40
C ILE A 11 2.55 -7.42 -1.56
N GLN A 12 3.43 -8.36 -1.88
CA GLN A 12 3.24 -9.21 -3.03
C GLN A 12 2.76 -10.60 -2.60
N THR A 13 1.54 -10.93 -2.97
CA THR A 13 0.98 -12.22 -2.65
C THR A 13 1.18 -13.19 -3.81
N LYS A 14 1.47 -14.43 -3.46
CA LYS A 14 1.81 -15.46 -4.43
C LYS A 14 0.66 -15.77 -5.37
N THR A 15 -0.56 -15.63 -4.87
CA THR A 15 -1.75 -15.89 -5.66
C THR A 15 -2.91 -15.03 -5.16
N GLU A 16 -4.03 -15.03 -5.86
CA GLU A 16 -5.18 -14.23 -5.44
C GLU A 16 -5.67 -14.75 -4.09
N ASP A 17 -5.61 -16.06 -3.94
CA ASP A 17 -5.99 -16.71 -2.69
C ASP A 17 -5.27 -16.10 -1.50
N GLU A 18 -4.00 -15.77 -1.71
CA GLU A 18 -3.17 -15.19 -0.66
C GLU A 18 -3.67 -13.80 -0.32
N ALA A 19 -4.12 -13.08 -1.35
CA ALA A 19 -4.65 -11.74 -1.20
C ALA A 19 -5.92 -11.75 -0.35
N LYS A 20 -6.76 -12.76 -0.54
CA LYS A 20 -7.98 -12.92 0.25
C LYS A 20 -7.65 -12.98 1.74
N ALA A 21 -6.67 -13.80 2.10
CA ALA A 21 -6.29 -13.96 3.50
C ALA A 21 -5.75 -12.66 4.07
N VAL A 22 -5.13 -11.85 3.22
CA VAL A 22 -4.58 -10.58 3.63
C VAL A 22 -5.70 -9.56 3.80
N LEU A 23 -6.54 -9.43 2.78
CA LEU A 23 -7.60 -8.44 2.79
C LEU A 23 -8.65 -8.76 3.86
N ASP A 24 -8.79 -10.04 4.18
CA ASP A 24 -9.76 -10.47 5.17
C ASP A 24 -9.43 -9.92 6.55
N GLU A 25 -8.16 -10.03 6.94
CA GLU A 25 -7.75 -9.59 8.27
C GLU A 25 -7.68 -8.07 8.36
N LEU A 26 -7.17 -7.42 7.31
CA LEU A 26 -7.09 -5.96 7.31
C LEU A 26 -8.48 -5.34 7.21
N ASN A 27 -9.45 -6.17 6.86
CA ASN A 27 -10.84 -5.75 6.84
C ASN A 27 -11.35 -5.52 8.26
N LYS A 28 -10.65 -6.13 9.22
CA LYS A 28 -10.86 -5.84 10.63
C LYS A 28 -9.95 -4.70 11.04
N GLY A 29 -8.84 -4.57 10.30
CA GLY A 29 -7.96 -3.43 10.43
C GLY A 29 -7.01 -3.52 11.58
N GLY A 30 -6.55 -4.73 11.90
CA GLY A 30 -5.68 -4.87 13.04
C GLY A 30 -4.22 -4.64 12.71
N ASP A 31 -3.67 -5.50 11.86
CA ASP A 31 -2.29 -5.34 11.43
C ASP A 31 -2.12 -5.63 9.95
N PHE A 32 -1.72 -4.63 9.18
CA PHE A 32 -1.33 -4.85 7.79
C PHE A 32 0.11 -5.35 7.77
N ALA A 33 0.91 -4.79 8.67
CA ALA A 33 2.30 -5.17 8.83
C ALA A 33 2.41 -6.67 9.06
N ALA A 34 1.47 -7.21 9.82
CA ALA A 34 1.46 -8.63 10.15
C ALA A 34 1.20 -9.48 8.91
N LEU A 35 0.31 -8.99 8.08
CA LEU A 35 -0.03 -9.64 6.82
C LEU A 35 1.18 -9.59 5.89
N ALA A 36 1.79 -8.41 5.88
CA ALA A 36 2.93 -8.13 5.03
C ALA A 36 4.10 -9.07 5.30
N LYS A 37 4.48 -9.15 6.56
CA LYS A 37 5.72 -9.82 6.94
C LYS A 37 5.54 -11.33 6.88
N GLU A 38 4.33 -11.80 7.12
CA GLU A 38 4.05 -13.22 7.12
C GLU A 38 3.89 -13.79 5.71
N LYS A 39 2.96 -13.24 4.93
CA LYS A 39 2.49 -13.91 3.73
C LYS A 39 3.16 -13.46 2.43
N SER A 40 3.67 -12.26 2.41
CA SER A 40 4.03 -11.66 1.14
C SER A 40 5.50 -11.93 0.78
N ALA A 41 5.77 -11.87 -0.52
CA ALA A 41 7.14 -11.93 -1.04
C ALA A 41 7.81 -10.56 -0.96
N ASP A 42 7.09 -9.62 -0.34
CA ASP A 42 7.53 -8.23 -0.22
C ASP A 42 8.62 -8.06 0.82
N ILE A 43 8.80 -9.08 1.67
CA ILE A 43 9.33 -8.91 3.03
C ILE A 43 10.68 -8.21 3.13
N ILE A 44 11.41 -8.11 2.03
CA ILE A 44 12.60 -7.27 2.00
C ILE A 44 12.25 -5.84 2.45
N SER A 45 11.06 -5.38 2.06
CA SER A 45 10.55 -4.10 2.48
C SER A 45 9.40 -4.26 3.49
N ALA A 46 8.71 -5.39 3.43
CA ALA A 46 7.60 -5.67 4.37
C ALA A 46 8.05 -5.59 5.82
N ARG A 47 9.33 -5.88 6.09
CA ARG A 47 9.89 -5.76 7.44
C ARG A 47 9.75 -4.33 7.98
N ASN A 48 9.46 -3.39 7.09
CA ASN A 48 9.22 -2.00 7.47
C ASN A 48 7.73 -1.79 7.76
N GLY A 49 6.99 -2.88 7.85
CA GLY A 49 5.56 -2.82 8.08
C GLY A 49 4.78 -2.81 6.78
N GLY A 50 5.47 -3.05 5.67
CA GLY A 50 4.83 -3.12 4.38
C GLY A 50 4.93 -1.80 3.63
N ASP A 51 5.32 -0.76 4.34
CA ASP A 51 5.43 0.56 3.73
C ASP A 51 6.64 0.62 2.82
N MET A 52 6.40 0.79 1.53
CA MET A 52 7.48 0.81 0.54
C MET A 52 8.28 2.11 0.64
N GLY A 53 7.66 3.13 1.21
CA GLY A 53 8.32 4.41 1.35
C GLY A 53 7.42 5.55 0.91
N TRP A 54 8.03 6.68 0.59
CA TRP A 54 7.30 7.85 0.16
C TRP A 54 7.52 8.11 -1.31
N LEU A 55 6.45 8.03 -2.08
CA LEU A 55 6.53 8.36 -3.49
C LEU A 55 5.91 9.72 -3.73
N GLU A 56 6.39 10.39 -4.76
CA GLU A 56 5.85 11.68 -5.14
C GLU A 56 4.77 11.48 -6.17
N ASP A 57 3.67 12.19 -6.02
CA ASP A 57 2.58 12.11 -6.97
C ASP A 57 3.09 12.45 -8.37
N ALA A 58 2.48 11.82 -9.37
CA ALA A 58 2.83 11.99 -10.78
C ALA A 58 4.19 11.35 -11.11
N THR A 59 4.77 10.64 -10.17
CA THR A 59 5.85 9.71 -10.46
C THR A 59 5.34 8.30 -10.24
N ILE A 60 4.04 8.22 -9.99
CA ILE A 60 3.38 6.98 -9.63
C ILE A 60 2.95 6.21 -10.88
N PRO A 61 3.34 4.94 -10.98
CA PRO A 61 2.91 4.07 -12.07
C PRO A 61 1.40 3.81 -12.02
N ASP A 62 0.82 3.56 -13.19
CA ASP A 62 -0.63 3.36 -13.32
C ASP A 62 -1.10 2.19 -12.48
N GLU A 63 -0.17 1.34 -12.09
CA GLU A 63 -0.46 0.18 -11.29
C GLU A 63 -1.00 0.57 -9.92
N LEU A 64 -0.33 1.52 -9.26
CA LEU A 64 -0.79 2.01 -7.96
C LEU A 64 -1.86 3.09 -8.16
N LYS A 65 -1.97 3.62 -9.37
CA LYS A 65 -3.05 4.54 -9.70
C LYS A 65 -4.38 3.83 -9.58
N ASN A 66 -4.36 2.53 -9.84
CA ASN A 66 -5.55 1.69 -9.77
C ASN A 66 -5.95 1.43 -8.31
N ALA A 67 -5.08 1.77 -7.39
CA ALA A 67 -5.33 1.55 -5.98
C ALA A 67 -6.42 2.48 -5.46
N GLY A 68 -6.49 3.67 -6.05
CA GLY A 68 -7.49 4.65 -5.68
C GLY A 68 -7.33 5.15 -4.25
N LEU A 69 -6.14 4.95 -3.69
CA LEU A 69 -5.88 5.30 -2.30
C LEU A 69 -5.49 6.77 -2.16
N LYS A 70 -6.48 7.62 -1.95
CA LYS A 70 -6.25 9.04 -1.83
C LYS A 70 -6.24 9.50 -0.37
N GLU A 71 -7.18 9.00 0.42
CA GLU A 71 -7.34 9.45 1.80
C GLU A 71 -6.86 8.38 2.78
N LYS A 72 -6.11 8.81 3.79
CA LYS A 72 -5.43 7.90 4.71
C LYS A 72 -6.42 7.12 5.57
N GLY A 73 -6.13 5.84 5.77
CA GLY A 73 -7.01 4.98 6.53
C GLY A 73 -7.75 4.02 5.65
N GLN A 74 -7.57 4.18 4.34
CA GLN A 74 -8.18 3.30 3.37
C GLN A 74 -7.22 2.18 3.00
N LEU A 75 -7.71 0.95 3.09
CA LEU A 75 -6.91 -0.24 2.85
C LEU A 75 -7.73 -1.32 2.18
N SER A 76 -7.04 -2.39 1.76
CA SER A 76 -7.63 -3.50 1.00
C SER A 76 -7.79 -3.11 -0.46
N GLY A 77 -6.71 -2.61 -1.03
CA GLY A 77 -6.63 -2.44 -2.45
C GLY A 77 -5.85 -3.58 -3.07
N VAL A 78 -6.54 -4.43 -3.80
CA VAL A 78 -5.92 -5.61 -4.38
C VAL A 78 -5.66 -5.36 -5.85
N ILE A 79 -4.40 -5.30 -6.21
CA ILE A 79 -4.01 -4.98 -7.56
C ILE A 79 -3.73 -6.26 -8.34
N LYS A 80 -4.55 -6.50 -9.35
CA LYS A 80 -4.47 -7.74 -10.11
C LYS A 80 -3.41 -7.61 -11.20
N SER A 81 -2.37 -8.40 -11.06
CA SER A 81 -1.30 -8.45 -12.04
C SER A 81 -1.15 -9.89 -12.53
N SER A 82 -0.41 -10.07 -13.60
CA SER A 82 -0.14 -11.39 -14.12
C SER A 82 1.06 -11.98 -13.36
N VAL A 83 1.91 -11.10 -12.87
CA VAL A 83 3.07 -11.50 -12.08
C VAL A 83 2.67 -11.88 -10.66
N GLY A 84 1.44 -11.57 -10.30
CA GLY A 84 0.96 -11.86 -8.96
C GLY A 84 -0.08 -10.86 -8.52
N PHE A 85 -0.28 -10.75 -7.22
CA PHE A 85 -1.25 -9.82 -6.69
C PHE A 85 -0.61 -8.91 -5.66
N LEU A 86 -0.86 -7.62 -5.80
CA LEU A 86 -0.29 -6.64 -4.91
C LEU A 86 -1.35 -6.10 -3.96
N ILE A 87 -1.00 -5.99 -2.69
CA ILE A 87 -1.92 -5.42 -1.71
C ILE A 87 -1.43 -4.05 -1.29
N VAL A 88 -2.27 -3.07 -1.44
CA VAL A 88 -1.89 -1.69 -1.19
C VAL A 88 -2.64 -1.12 0.03
N ARG A 89 -1.92 -0.36 0.86
CA ARG A 89 -2.48 0.27 2.04
C ARG A 89 -1.97 1.70 2.14
N LEU A 90 -2.78 2.58 2.69
CA LEU A 90 -2.39 3.97 2.91
C LEU A 90 -1.86 4.19 4.30
N ASP A 91 -0.56 4.41 4.39
CA ASP A 91 0.03 4.73 5.70
C ASP A 91 -0.18 6.20 6.06
N ASP A 92 0.24 7.11 5.18
CA ASP A 92 0.06 8.54 5.41
C ASP A 92 0.09 9.32 4.09
N ILE A 93 -0.46 10.53 4.11
CA ILE A 93 -0.37 11.46 2.98
C ILE A 93 0.22 12.78 3.45
N GLN A 94 1.28 13.24 2.78
CA GLN A 94 1.97 14.46 3.20
C GLN A 94 1.87 15.56 2.15
N ALA A 95 2.02 16.81 2.62
CA ALA A 95 2.04 18.01 1.77
C ALA A 95 0.67 18.36 1.21
N ALA A 96 0.03 17.39 0.59
CA ALA A 96 -1.25 17.60 -0.09
C ALA A 96 -2.32 18.13 0.86
N HIS A 97 -2.46 17.48 1.99
CA HIS A 97 -3.55 17.80 2.91
C HIS A 97 -3.23 19.04 3.73
N HIS A 98 -1.95 19.39 3.83
CA HIS A 98 -1.52 20.50 4.67
C HIS A 98 -1.41 21.80 3.88
N HIS A 99 -1.16 21.69 2.57
CA HIS A 99 -1.02 22.88 1.73
C HIS A 99 -2.34 23.65 1.63
N HIS A 100 -3.32 23.08 0.95
CA HIS A 100 -4.61 23.74 0.80
C HIS A 100 -5.76 22.76 1.01
N HIS A 101 -5.60 21.86 1.98
CA HIS A 101 -6.60 20.85 2.31
C HIS A 101 -7.01 20.01 1.11
N HIS A 102 -6.16 19.09 0.70
CA HIS A 102 -6.53 18.11 -0.31
C HIS A 102 -7.23 16.94 0.34
#